data_6H3S
#
_entry.id   6H3S
#
_cell.length_a   95.226
_cell.length_b   95.226
_cell.length_c   204.739
_cell.angle_alpha   90.000
_cell.angle_beta   90.000
_cell.angle_gamma   90.000
#
_symmetry.space_group_name_H-M   'P 41 21 2'
#
loop_
_entity.id
_entity.type
_entity.pdbx_description
1 polymer 'Envelopment polyprotein'
2 non-polymer 2-acetamido-2-deoxy-beta-D-glucopyranose
3 non-polymer 'SULFATE ION'
4 non-polymer 'CHLORIDE ION'
5 water water
#
_entity_poly.entity_id   1
_entity_poly.type   'polypeptide(L)'
_entity_poly.pdbx_seq_one_letter_code
;EWSHPQFEKGGQETSINCKNIQSTQLTIEHLSKCMAFYQNKTSSPVVINEIISDASVDEQELIKSLNLNCNVIDRFISES
SVIETQVYYEYIKSQLCPLQVHDIFTINSASNIQWKALARSFTLGVCNTNPHKHICRCLESMQMCTSTKTDHAREMSIYY
DGHPDRFEHDMKIILNIMRYIVPGLGRVLLDQIKQTKDYQALRHIQGKLSPKSQSNLQLKGFLEFVDFILGANVTIEKTP
QTLTTLSLIKGAHRNLDQKDPGPTPILVCKSPQKVVCYSPRGVTHPGDYISCKSKMYKWPSLGVYKHNRDQQQACSSDTH
CLEMFEPAERTITTKICKVSDMTYSESPYSTGIPSCNVKRFGSCNVRGHQWQIAECSNGLFYYVSAKAHSKTNDITLYCL
SANCLDLRYAFRSSSCSDIVW
;
_entity_poly.pdbx_strand_id   B,A
#
# COMPACT_ATOMS: atom_id res chain seq x y z
N THR A 14 46.24 -4.02 3.40
CA THR A 14 46.36 -2.59 3.72
C THR A 14 44.98 -1.97 3.98
N SER A 15 44.98 -0.70 4.35
CA SER A 15 43.76 0.04 4.61
C SER A 15 43.71 1.28 3.74
N ILE A 16 42.48 1.70 3.42
CA ILE A 16 42.25 2.83 2.53
C ILE A 16 41.27 3.80 3.19
N ASN A 17 41.30 5.04 2.72
CA ASN A 17 40.38 6.07 3.20
C ASN A 17 39.21 6.16 2.22
N CYS A 18 38.06 5.62 2.62
CA CYS A 18 36.87 5.66 1.78
C CYS A 18 36.34 7.07 1.58
N LYS A 19 36.70 8.01 2.46
CA LYS A 19 36.32 9.41 2.25
C LYS A 19 37.10 10.05 1.11
N ASN A 20 38.36 9.61 0.89
CA ASN A 20 39.23 10.16 -0.15
C ASN A 20 39.98 8.98 -0.79
N ILE A 21 39.29 8.26 -1.66
CA ILE A 21 39.86 7.07 -2.28
C ILE A 21 40.79 7.47 -3.42
N GLN A 22 41.96 6.84 -3.47
CA GLN A 22 42.96 7.15 -4.47
C GLN A 22 42.63 6.49 -5.82
N SER A 23 43.27 6.99 -6.87
CA SER A 23 43.04 6.46 -8.20
C SER A 23 43.46 5.00 -8.31
N THR A 24 44.54 4.63 -7.62
CA THR A 24 45.01 3.25 -7.64
C THR A 24 44.05 2.31 -6.94
N GLN A 25 43.32 2.80 -5.94
CA GLN A 25 42.40 2.00 -5.14
C GLN A 25 41.04 1.81 -5.80
N LEU A 26 40.84 2.29 -7.02
CA LEU A 26 39.55 2.11 -7.68
C LEU A 26 39.40 0.75 -8.35
N THR A 27 39.64 -0.32 -7.59
CA THR A 27 39.47 -1.69 -8.06
C THR A 27 38.50 -2.42 -7.14
N ILE A 28 37.87 -3.47 -7.67
CA ILE A 28 36.90 -4.23 -6.87
C ILE A 28 37.56 -4.78 -5.60
N GLU A 29 38.82 -5.19 -5.71
CA GLU A 29 39.56 -5.64 -4.54
C GLU A 29 39.61 -4.56 -3.47
N HIS A 30 39.93 -3.33 -3.86
CA HIS A 30 40.02 -2.24 -2.91
C HIS A 30 38.69 -1.55 -2.66
N LEU A 31 37.83 -1.46 -3.69
CA LEU A 31 36.50 -0.89 -3.47
C LEU A 31 35.68 -1.72 -2.50
N SER A 32 35.90 -3.03 -2.48
CA SER A 32 35.15 -3.88 -1.56
C SER A 32 35.44 -3.57 -0.10
N LYS A 33 36.61 -2.99 0.20
CA LYS A 33 36.91 -2.56 1.56
C LYS A 33 36.03 -1.39 2.01
N CYS A 34 35.34 -0.72 1.09
CA CYS A 34 34.52 0.43 1.43
C CYS A 34 33.04 0.11 1.51
N MET A 35 32.66 -1.16 1.47
CA MET A 35 31.29 -1.54 1.75
C MET A 35 30.96 -1.19 3.20
N ALA A 36 29.76 -0.64 3.41
CA ALA A 36 29.41 -0.05 4.69
C ALA A 36 29.62 -1.02 5.85
N PHE A 37 29.15 -2.26 5.69
CA PHE A 37 29.24 -3.22 6.78
C PHE A 37 30.68 -3.48 7.19
N TYR A 38 31.63 -3.33 6.25
CA TYR A 38 33.03 -3.58 6.55
C TYR A 38 33.61 -2.55 7.52
N GLN A 39 32.87 -1.49 7.84
CA GLN A 39 33.35 -0.52 8.82
C GLN A 39 33.23 -1.01 10.25
N ASN A 40 32.55 -2.13 10.48
CA ASN A 40 32.46 -2.77 11.80
C ASN A 40 31.81 -1.85 12.83
N LYS A 41 30.92 -0.97 12.38
CA LYS A 41 30.18 -0.06 13.24
C LYS A 41 28.74 -0.57 13.34
N THR A 42 28.39 -1.17 14.47
CA THR A 42 27.10 -1.80 14.64
C THR A 42 26.12 -1.01 15.51
N SER A 43 26.48 0.20 15.95
CA SER A 43 25.59 0.93 16.84
C SER A 43 25.90 2.42 16.79
N SER A 44 25.09 3.18 17.52
CA SER A 44 25.26 4.62 17.72
C SER A 44 25.31 5.39 16.42
N PRO A 45 24.16 5.70 15.81
CA PRO A 45 24.15 6.48 14.58
C PRO A 45 24.62 7.90 14.82
N VAL A 46 25.26 8.46 13.80
CA VAL A 46 25.79 9.82 13.86
C VAL A 46 24.94 10.73 12.98
N VAL A 47 24.63 11.91 13.49
CA VAL A 47 23.85 12.88 12.73
C VAL A 47 24.66 13.36 11.53
N ILE A 48 23.95 13.72 10.46
CA ILE A 48 24.61 13.98 9.18
C ILE A 48 25.56 15.17 9.27
N ASN A 49 25.18 16.22 9.99
CA ASN A 49 26.04 17.40 10.10
C ASN A 49 27.35 17.08 10.80
N GLU A 50 27.34 16.08 11.67
CA GLU A 50 28.56 15.67 12.37
C GLU A 50 29.44 14.80 11.48
N ILE A 51 28.82 13.97 10.63
CA ILE A 51 29.57 13.05 9.78
C ILE A 51 30.43 13.83 8.80
N ILE A 52 29.92 14.95 8.29
CA ILE A 52 30.55 15.65 7.16
C ILE A 52 31.45 16.80 7.61
N SER A 53 31.67 16.97 8.92
CA SER A 53 32.44 18.11 9.39
C SER A 53 33.91 18.04 9.01
N ASP A 54 34.42 16.86 8.66
CA ASP A 54 35.82 16.72 8.30
C ASP A 54 36.13 17.28 6.91
N ALA A 55 35.13 17.36 6.02
CA ALA A 55 35.37 17.70 4.63
C ALA A 55 35.29 19.21 4.39
N SER A 56 35.47 19.61 3.13
CA SER A 56 35.53 21.01 2.76
C SER A 56 34.19 21.70 2.96
N VAL A 57 34.21 23.03 2.91
CA VAL A 57 33.00 23.82 3.08
C VAL A 57 32.05 23.59 1.92
N ASP A 58 32.57 23.61 0.69
CA ASP A 58 31.71 23.44 -0.48
C ASP A 58 31.12 22.04 -0.53
N GLU A 59 31.94 21.02 -0.25
CA GLU A 59 31.41 19.65 -0.15
C GLU A 59 30.36 19.57 0.95
N GLN A 60 30.54 20.33 2.02
CA GLN A 60 29.58 20.32 3.13
C GLN A 60 28.23 20.88 2.70
N GLU A 61 28.24 22.00 1.98
CA GLU A 61 26.99 22.50 1.40
C GLU A 61 26.41 21.49 0.42
N LEU A 62 27.28 20.83 -0.36
CA LEU A 62 26.82 19.82 -1.32
C LEU A 62 26.03 18.72 -0.63
N ILE A 63 26.50 18.26 0.53
CA ILE A 63 25.82 17.14 1.19
C ILE A 63 24.61 17.63 1.97
N LYS A 64 24.74 18.74 2.69
CA LYS A 64 23.58 19.31 3.39
C LYS A 64 22.43 19.56 2.44
N SER A 65 22.72 19.89 1.18
CA SER A 65 21.68 20.12 0.19
C SER A 65 20.92 18.85 -0.16
N LEU A 66 21.49 17.67 0.08
CA LEU A 66 20.86 16.42 -0.33
C LEU A 66 19.79 15.95 0.64
N ASN A 67 19.80 16.44 1.88
CA ASN A 67 18.90 15.98 2.94
C ASN A 67 18.95 14.46 3.06
N LEU A 68 20.15 13.95 3.28
CA LEU A 68 20.35 12.51 3.37
C LEU A 68 19.70 11.94 4.63
N ASN A 69 19.04 10.80 4.46
CA ASN A 69 18.59 9.99 5.58
C ASN A 69 18.76 8.52 5.21
N CYS A 70 18.46 7.63 6.16
CA CYS A 70 18.71 6.21 5.97
C CYS A 70 17.80 5.58 4.92
N ASN A 71 16.68 6.24 4.58
CA ASN A 71 15.77 5.71 3.58
C ASN A 71 16.17 6.07 2.15
N VAL A 72 16.94 7.13 1.95
CA VAL A 72 17.24 7.63 0.61
C VAL A 72 18.71 7.50 0.23
N ILE A 73 19.58 7.10 1.16
CA ILE A 73 21.02 7.17 0.89
C ILE A 73 21.43 6.10 -0.12
N ASP A 74 20.81 4.91 -0.06
CA ASP A 74 21.09 3.90 -1.07
C ASP A 74 20.66 4.36 -2.45
N ARG A 75 19.58 5.13 -2.54
CA ARG A 75 19.14 5.63 -3.83
C ARG A 75 20.08 6.70 -4.37
N PHE A 76 20.62 7.54 -3.48
CA PHE A 76 21.66 8.48 -3.91
C PHE A 76 22.92 7.74 -4.34
N ILE A 77 23.20 6.58 -3.72
CA ILE A 77 24.38 5.81 -4.10
C ILE A 77 24.20 5.21 -5.49
N SER A 78 23.05 4.57 -5.73
CA SER A 78 22.82 3.98 -7.04
C SER A 78 22.64 5.04 -8.12
N GLU A 79 22.10 6.20 -7.74
CA GLU A 79 21.82 7.26 -8.70
C GLU A 79 23.05 8.10 -9.05
N SER A 80 24.11 8.02 -8.25
CA SER A 80 25.33 8.75 -8.54
C SER A 80 26.08 8.13 -9.70
N SER A 81 26.80 8.97 -10.45
CA SER A 81 27.51 8.53 -11.63
C SER A 81 28.99 8.29 -11.40
N VAL A 82 29.58 8.92 -10.39
CA VAL A 82 31.02 8.87 -10.14
C VAL A 82 31.29 7.94 -8.97
N ILE A 83 32.31 7.08 -9.13
CA ILE A 83 32.54 6.02 -8.15
C ILE A 83 33.05 6.58 -6.82
N GLU A 84 33.83 7.65 -6.85
CA GLU A 84 34.29 8.26 -5.61
C GLU A 84 33.11 8.76 -4.78
N THR A 85 32.12 9.38 -5.45
CA THR A 85 30.94 9.86 -4.75
C THR A 85 30.15 8.71 -4.16
N GLN A 86 30.00 7.62 -4.92
CA GLN A 86 29.27 6.46 -4.42
C GLN A 86 29.93 5.88 -3.19
N VAL A 87 31.27 5.74 -3.23
CA VAL A 87 32.01 5.26 -2.07
C VAL A 87 31.78 6.19 -0.88
N TYR A 88 31.82 7.50 -1.12
CA TYR A 88 31.67 8.46 -0.04
C TYR A 88 30.29 8.33 0.62
N TYR A 89 29.23 8.29 -0.20
CA TYR A 89 27.89 8.12 0.35
C TYR A 89 27.75 6.78 1.07
N GLU A 90 28.48 5.76 0.62
CA GLU A 90 28.47 4.48 1.32
C GLU A 90 29.07 4.62 2.72
N TYR A 91 30.19 5.34 2.84
CA TYR A 91 30.74 5.63 4.16
C TYR A 91 29.73 6.38 5.03
N ILE A 92 29.12 7.42 4.46
CA ILE A 92 28.11 8.17 5.19
C ILE A 92 26.99 7.25 5.67
N LYS A 93 26.65 6.25 4.87
CA LYS A 93 25.64 5.28 5.31
C LYS A 93 26.15 4.43 6.46
N SER A 94 27.44 4.04 6.41
CA SER A 94 28.01 3.29 7.52
C SER A 94 27.96 4.08 8.82
N GLN A 95 28.06 5.41 8.74
CA GLN A 95 28.01 6.24 9.94
C GLN A 95 26.58 6.61 10.33
N LEU A 96 25.65 6.63 9.38
CA LEU A 96 24.31 7.15 9.60
C LEU A 96 23.30 6.06 9.94
N CYS A 97 23.55 4.83 9.50
CA CYS A 97 22.58 3.73 9.65
C CYS A 97 23.29 2.43 10.02
N PRO A 98 23.96 2.38 11.17
CA PRO A 98 24.60 1.12 11.57
C PRO A 98 23.63 -0.05 11.73
N LEU A 99 22.50 0.18 12.39
CA LEU A 99 21.54 -0.90 12.61
C LEU A 99 21.03 -1.44 11.28
N GLN A 100 20.64 -0.55 10.37
CA GLN A 100 20.18 -0.98 9.07
C GLN A 100 21.28 -1.70 8.29
N VAL A 101 22.51 -1.23 8.43
CA VAL A 101 23.62 -1.82 7.67
C VAL A 101 23.91 -3.24 8.16
N HIS A 102 23.76 -3.50 9.45
CA HIS A 102 24.12 -4.80 10.01
C HIS A 102 22.93 -5.68 10.36
N ASP A 103 21.71 -5.27 10.02
CA ASP A 103 20.55 -6.07 10.37
C ASP A 103 20.50 -7.39 9.63
N ILE A 104 21.17 -7.49 8.48
CA ILE A 104 21.10 -8.71 7.68
C ILE A 104 21.79 -9.87 8.39
N PHE A 105 22.78 -9.58 9.24
CA PHE A 105 23.55 -10.64 9.87
C PHE A 105 22.87 -11.25 11.08
N THR A 106 21.79 -10.64 11.57
CA THR A 106 20.96 -11.27 12.58
C THR A 106 20.10 -12.33 11.91
N ILE A 107 20.10 -13.54 12.47
CA ILE A 107 19.42 -14.66 11.82
C ILE A 107 17.93 -14.37 11.72
N ASN A 108 17.36 -14.71 10.56
CA ASN A 108 15.92 -14.60 10.28
C ASN A 108 15.39 -13.19 10.48
N SER A 109 16.24 -12.16 10.37
CA SER A 109 15.80 -10.80 10.60
C SER A 109 14.96 -10.30 9.42
N ALA A 110 14.46 -9.07 9.53
CA ALA A 110 13.63 -8.49 8.48
C ALA A 110 14.42 -8.32 7.19
N SER A 111 15.65 -7.79 7.29
CA SER A 111 16.49 -7.57 6.13
C SER A 111 16.78 -8.85 5.34
N ASN A 112 16.47 -10.01 5.91
CA ASN A 112 16.68 -11.28 5.22
C ASN A 112 15.57 -11.64 4.25
N ILE A 113 14.46 -10.89 4.22
CA ILE A 113 13.30 -11.36 3.49
C ILE A 113 13.55 -11.35 1.98
N GLN A 114 14.38 -10.43 1.49
CA GLN A 114 14.46 -10.23 0.05
C GLN A 114 15.33 -11.30 -0.62
N TRP A 115 16.60 -11.43 -0.18
CA TRP A 115 17.49 -12.37 -0.86
C TRP A 115 16.92 -13.79 -0.81
N LYS A 116 16.49 -14.23 0.37
CA LYS A 116 15.82 -15.52 0.48
C LYS A 116 14.69 -15.64 -0.53
N ALA A 117 13.85 -14.60 -0.62
CA ALA A 117 12.77 -14.60 -1.59
C ALA A 117 13.30 -14.90 -2.99
N LEU A 118 14.31 -14.13 -3.43
CA LEU A 118 14.87 -14.38 -4.75
C LEU A 118 15.42 -15.79 -4.85
N ALA A 119 16.06 -16.27 -3.77
CA ALA A 119 16.63 -17.61 -3.80
C ALA A 119 15.55 -18.67 -4.01
N ARG A 120 14.32 -18.41 -3.55
CA ARG A 120 13.26 -19.37 -3.79
C ARG A 120 12.70 -19.27 -5.20
N SER A 121 12.77 -18.09 -5.81
CA SER A 121 12.15 -17.89 -7.11
C SER A 121 13.08 -18.28 -8.27
N PHE A 122 14.36 -17.96 -8.17
CA PHE A 122 15.32 -18.21 -9.24
C PHE A 122 16.13 -19.45 -8.89
N THR A 123 15.62 -20.61 -9.29
CA THR A 123 16.32 -21.86 -9.03
C THR A 123 17.60 -21.94 -9.85
N LEU A 124 18.68 -22.36 -9.20
CA LEU A 124 19.96 -22.49 -9.88
C LEU A 124 19.89 -23.56 -10.97
N GLY A 125 20.78 -23.44 -11.95
CA GLY A 125 20.87 -24.46 -12.99
C GLY A 125 21.38 -25.79 -12.48
N VAL A 126 22.19 -25.76 -11.43
CA VAL A 126 22.69 -27.00 -10.84
C VAL A 126 21.59 -27.77 -10.12
N CYS A 127 20.48 -27.11 -9.78
CA CYS A 127 19.37 -27.74 -9.10
C CYS A 127 18.33 -28.33 -10.04
N ASN A 128 18.59 -28.30 -11.36
CA ASN A 128 17.67 -28.93 -12.30
C ASN A 128 17.63 -30.44 -12.09
N THR A 129 18.78 -31.06 -11.85
CA THR A 129 18.86 -32.48 -11.53
C THR A 129 19.36 -32.64 -10.10
N ASN A 130 18.90 -33.71 -9.45
CA ASN A 130 19.20 -34.00 -8.05
C ASN A 130 18.77 -32.82 -7.18
N PRO A 131 17.46 -32.53 -7.09
CA PRO A 131 17.02 -31.36 -6.30
C PRO A 131 17.12 -31.58 -4.81
N HIS A 132 17.48 -32.77 -4.35
CA HIS A 132 17.65 -33.03 -2.93
C HIS A 132 19.01 -32.61 -2.41
N LYS A 133 19.87 -32.07 -3.27
CA LYS A 133 21.14 -31.52 -2.81
C LYS A 133 20.87 -30.39 -1.80
N HIS A 134 21.77 -30.28 -0.83
CA HIS A 134 21.50 -29.41 0.32
C HIS A 134 21.54 -27.94 -0.06
N ILE A 135 22.26 -27.57 -1.12
CA ILE A 135 22.20 -26.19 -1.58
C ILE A 135 20.84 -25.89 -2.18
N CYS A 136 20.27 -26.85 -2.90
CA CYS A 136 18.95 -26.66 -3.51
C CYS A 136 17.87 -26.55 -2.44
N ARG A 137 17.92 -27.43 -1.44
CA ARG A 137 16.98 -27.34 -0.35
C ARG A 137 17.20 -26.09 0.50
N CYS A 138 18.43 -25.57 0.54
CA CYS A 138 18.69 -24.34 1.28
C CYS A 138 18.07 -23.14 0.57
N LEU A 139 18.21 -23.06 -0.75
CA LEU A 139 17.64 -21.93 -1.48
C LEU A 139 16.12 -22.05 -1.61
N GLU A 140 15.61 -23.26 -1.74
CA GLU A 140 14.18 -23.51 -1.92
C GLU A 140 13.41 -23.45 -0.59
N SER A 141 13.86 -24.18 0.43
CA SER A 141 13.09 -24.29 1.67
C SER A 141 13.88 -23.87 2.90
N MET A 142 15.06 -23.27 2.71
CA MET A 142 15.94 -22.87 3.81
C MET A 142 16.24 -24.04 4.76
N GLN A 143 16.35 -25.23 4.18
CA GLN A 143 16.72 -26.42 4.92
C GLN A 143 18.07 -26.93 4.43
N MET A 144 18.79 -27.60 5.34
CA MET A 144 20.10 -28.19 5.04
C MET A 144 21.11 -27.13 4.62
N CYS A 145 20.91 -25.89 5.07
CA CYS A 145 21.85 -24.83 4.78
C CYS A 145 23.19 -25.03 5.47
N THR A 146 23.25 -25.91 6.47
CA THR A 146 24.50 -26.17 7.18
C THR A 146 25.46 -27.04 6.38
N SER A 147 25.00 -27.69 5.32
CA SER A 147 25.83 -28.59 4.53
C SER A 147 25.77 -28.26 3.03
N THR A 148 25.70 -26.98 2.68
CA THR A 148 25.55 -26.61 1.28
C THR A 148 26.77 -26.99 0.44
N LYS A 149 27.97 -26.74 0.94
CA LYS A 149 29.17 -27.03 0.15
C LYS A 149 29.60 -28.49 0.24
N THR A 150 29.37 -29.14 1.38
CA THR A 150 29.87 -30.49 1.59
C THR A 150 29.02 -31.56 0.93
N ASP A 151 27.72 -31.29 0.74
CA ASP A 151 26.81 -32.29 0.20
C ASP A 151 26.93 -32.36 -1.32
N HIS A 152 27.27 -33.54 -1.84
CA HIS A 152 27.31 -33.79 -3.29
C HIS A 152 28.24 -32.82 -4.01
N ALA A 153 29.38 -32.51 -3.38
CA ALA A 153 30.34 -31.60 -3.99
C ALA A 153 30.91 -32.18 -5.28
N ARG A 154 31.07 -33.51 -5.34
CA ARG A 154 31.61 -34.15 -6.54
C ARG A 154 30.66 -34.01 -7.73
N GLU A 155 29.36 -34.25 -7.53
CA GLU A 155 28.40 -34.14 -8.63
C GLU A 155 28.33 -32.70 -9.14
N MET A 156 28.26 -31.75 -8.21
CA MET A 156 28.21 -30.34 -8.61
C MET A 156 29.49 -29.91 -9.30
N SER A 157 30.64 -30.46 -8.89
CA SER A 157 31.87 -30.20 -9.62
C SER A 157 31.79 -30.75 -11.03
N ILE A 158 31.24 -31.95 -11.19
CA ILE A 158 31.02 -32.50 -12.53
C ILE A 158 30.12 -31.58 -13.35
N TYR A 159 29.11 -30.99 -12.72
CA TYR A 159 28.19 -30.10 -13.42
C TYR A 159 28.87 -28.79 -13.81
N TYR A 160 29.78 -28.29 -12.99
CA TYR A 160 30.37 -26.96 -13.22
C TYR A 160 31.69 -27.01 -13.97
N ASP A 161 32.58 -27.96 -13.63
CA ASP A 161 33.91 -27.98 -14.23
C ASP A 161 33.84 -28.19 -15.73
N GLY A 162 34.50 -27.32 -16.48
CA GLY A 162 34.53 -27.41 -17.93
C GLY A 162 33.26 -26.96 -18.62
N HIS A 163 32.35 -26.31 -17.90
CA HIS A 163 31.05 -25.92 -18.44
C HIS A 163 30.83 -24.44 -18.14
N PRO A 164 31.41 -23.56 -18.97
CA PRO A 164 31.27 -22.11 -18.75
C PRO A 164 29.86 -21.62 -18.88
N ASP A 165 29.07 -22.21 -19.79
CA ASP A 165 27.71 -21.77 -19.97
C ASP A 165 26.91 -21.86 -18.67
N ARG A 166 26.84 -23.08 -18.11
CA ARG A 166 26.10 -23.28 -16.86
C ARG A 166 26.66 -22.40 -15.75
N PHE A 167 27.99 -22.36 -15.63
CA PHE A 167 28.65 -21.55 -14.62
C PHE A 167 28.19 -20.11 -14.67
N GLU A 168 28.11 -19.53 -15.88
CA GLU A 168 27.67 -18.15 -16.00
C GLU A 168 26.19 -17.99 -15.63
N HIS A 169 25.35 -18.95 -16.02
CA HIS A 169 23.95 -18.91 -15.61
C HIS A 169 23.83 -18.78 -14.09
N ASP A 170 24.38 -19.77 -13.37
CA ASP A 170 24.29 -19.77 -11.92
C ASP A 170 24.99 -18.57 -11.29
N MET A 171 26.10 -18.11 -11.87
CA MET A 171 26.77 -16.94 -11.31
C MET A 171 25.90 -15.69 -11.42
N LYS A 172 25.21 -15.52 -12.55
CA LYS A 172 24.29 -14.40 -12.68
C LYS A 172 23.19 -14.48 -11.62
N ILE A 173 22.63 -15.68 -11.43
CA ILE A 173 21.61 -15.84 -10.39
C ILE A 173 22.16 -15.43 -9.02
N ILE A 174 23.36 -15.91 -8.70
CA ILE A 174 23.96 -15.63 -7.38
C ILE A 174 24.19 -14.14 -7.20
N LEU A 175 24.74 -13.47 -8.22
CA LEU A 175 24.95 -12.03 -8.13
C LEU A 175 23.64 -11.29 -7.87
N ASN A 176 22.58 -11.67 -8.59
CA ASN A 176 21.29 -11.03 -8.36
C ASN A 176 20.79 -11.27 -6.94
N ILE A 177 21.02 -12.47 -6.41
CA ILE A 177 20.66 -12.74 -5.01
C ILE A 177 21.41 -11.80 -4.08
N MET A 178 22.72 -11.64 -4.33
CA MET A 178 23.55 -10.84 -3.44
C MET A 178 23.30 -9.35 -3.57
N ARG A 179 22.63 -8.91 -4.65
CA ARG A 179 22.26 -7.50 -4.74
C ARG A 179 21.34 -7.08 -3.60
N TYR A 180 20.72 -8.02 -2.90
CA TYR A 180 19.88 -7.71 -1.75
C TYR A 180 20.54 -8.08 -0.42
N ILE A 181 21.85 -8.31 -0.41
CA ILE A 181 22.57 -8.63 0.82
C ILE A 181 23.48 -7.46 1.09
N VAL A 182 24.00 -6.85 0.02
CA VAL A 182 24.87 -5.69 0.17
C VAL A 182 24.36 -4.52 -0.68
N PRO A 183 23.28 -3.87 -0.27
CA PRO A 183 22.80 -2.70 -1.03
C PRO A 183 23.76 -1.54 -0.96
N GLY A 184 23.65 -0.65 -1.93
CA GLY A 184 24.50 0.53 -2.01
C GLY A 184 25.75 0.23 -2.84
N LEU A 185 26.92 0.35 -2.22
CA LEU A 185 28.17 0.12 -2.94
C LEU A 185 28.31 -1.34 -3.35
N GLY A 186 27.88 -2.25 -2.49
CA GLY A 186 27.96 -3.67 -2.83
C GLY A 186 27.22 -3.99 -4.11
N ARG A 187 26.05 -3.39 -4.30
CA ARG A 187 25.30 -3.60 -5.54
C ARG A 187 26.06 -3.04 -6.74
N VAL A 188 26.72 -1.90 -6.58
CA VAL A 188 27.51 -1.32 -7.66
C VAL A 188 28.63 -2.28 -8.05
N LEU A 189 29.32 -2.84 -7.06
CA LEU A 189 30.39 -3.78 -7.34
C LEU A 189 29.86 -5.06 -7.98
N LEU A 190 28.68 -5.52 -7.55
CA LEU A 190 28.12 -6.75 -8.12
C LEU A 190 27.77 -6.54 -9.58
N ASP A 191 27.11 -5.42 -9.90
CA ASP A 191 26.81 -5.13 -11.30
C ASP A 191 28.08 -4.95 -12.12
N GLN A 192 29.13 -4.40 -11.51
CA GLN A 192 30.41 -4.29 -12.20
C GLN A 192 30.97 -5.67 -12.51
N ILE A 193 30.92 -6.58 -11.54
CA ILE A 193 31.37 -7.95 -11.78
C ILE A 193 30.57 -8.60 -12.90
N LYS A 194 29.25 -8.39 -12.90
CA LYS A 194 28.41 -8.96 -13.95
C LYS A 194 28.78 -8.41 -15.32
N GLN A 195 29.10 -7.12 -15.40
CA GLN A 195 29.43 -6.54 -16.69
C GLN A 195 30.80 -6.98 -17.18
N THR A 196 31.77 -7.09 -16.27
CA THR A 196 33.14 -7.45 -16.65
C THR A 196 33.39 -8.96 -16.67
N LYS A 197 32.44 -9.74 -16.16
CA LYS A 197 32.58 -11.19 -16.09
C LYS A 197 33.77 -11.61 -15.25
N ASP A 198 34.26 -10.71 -14.39
CA ASP A 198 35.37 -11.01 -13.49
C ASP A 198 34.81 -11.68 -12.25
N TYR A 199 34.47 -12.96 -12.40
CA TYR A 199 33.77 -13.68 -11.34
C TYR A 199 34.65 -13.94 -10.11
N GLN A 200 35.96 -14.11 -10.29
CA GLN A 200 36.80 -14.35 -9.12
C GLN A 200 36.80 -13.16 -8.17
N ALA A 201 36.60 -11.95 -8.70
CA ALA A 201 36.56 -10.75 -7.85
C ALA A 201 35.47 -10.83 -6.80
N LEU A 202 34.46 -11.68 -7.00
CA LEU A 202 33.44 -11.88 -5.97
C LEU A 202 34.02 -12.34 -4.64
N ARG A 203 35.19 -12.99 -4.66
CA ARG A 203 35.84 -13.37 -3.41
C ARG A 203 36.18 -12.17 -2.54
N HIS A 204 36.34 -10.98 -3.14
CA HIS A 204 36.60 -9.79 -2.34
C HIS A 204 35.34 -9.31 -1.61
N ILE A 205 34.16 -9.75 -2.06
CA ILE A 205 32.92 -9.36 -1.40
C ILE A 205 32.54 -10.45 -0.40
N GLN A 206 32.33 -11.68 -0.90
CA GLN A 206 31.87 -12.76 -0.05
C GLN A 206 32.88 -13.06 1.06
N GLY A 207 34.18 -12.93 0.74
CA GLY A 207 35.22 -13.10 1.71
C GLY A 207 35.11 -12.18 2.90
N LYS A 208 34.48 -11.02 2.73
CA LYS A 208 34.23 -10.10 3.84
C LYS A 208 32.87 -10.32 4.47
N LEU A 209 31.94 -10.97 3.76
CA LEU A 209 30.62 -11.23 4.31
C LEU A 209 30.61 -12.46 5.22
N SER A 210 31.40 -13.47 4.89
CA SER A 210 31.34 -14.74 5.63
C SER A 210 31.73 -14.61 7.09
N PRO A 211 32.83 -13.93 7.47
CA PRO A 211 33.15 -13.81 8.90
C PRO A 211 32.14 -13.02 9.70
N LYS A 212 31.19 -12.35 9.05
CA LYS A 212 30.12 -11.63 9.74
C LYS A 212 28.78 -12.34 9.63
N SER A 213 28.70 -13.46 8.93
CA SER A 213 27.46 -14.19 8.75
C SER A 213 27.40 -15.48 9.56
N GLN A 214 28.35 -15.67 10.50
CA GLN A 214 28.44 -16.95 11.19
C GLN A 214 27.23 -17.20 12.07
N SER A 215 26.54 -16.14 12.50
CA SER A 215 25.33 -16.32 13.28
C SER A 215 24.12 -16.53 12.41
N ASN A 216 24.12 -15.96 11.20
CA ASN A 216 23.04 -16.12 10.23
C ASN A 216 23.33 -17.41 9.46
N LEU A 217 22.84 -18.53 9.99
CA LEU A 217 23.24 -19.83 9.48
C LEU A 217 22.83 -20.02 8.03
N GLN A 218 21.65 -19.49 7.64
CA GLN A 218 21.21 -19.62 6.26
C GLN A 218 22.11 -18.82 5.32
N LEU A 219 22.31 -17.53 5.61
CA LEU A 219 23.23 -16.73 4.85
C LEU A 219 24.63 -17.34 4.85
N LYS A 220 25.03 -17.93 5.97
CA LYS A 220 26.33 -18.60 6.06
C LYS A 220 26.44 -19.72 5.03
N GLY A 221 25.43 -20.60 4.99
CA GLY A 221 25.44 -21.68 4.02
C GLY A 221 25.47 -21.17 2.59
N PHE A 222 24.65 -20.16 2.29
CA PHE A 222 24.65 -19.59 0.94
C PHE A 222 26.03 -19.09 0.55
N LEU A 223 26.66 -18.30 1.42
CA LEU A 223 27.98 -17.77 1.10
C LEU A 223 29.00 -18.87 0.94
N GLU A 224 28.91 -19.92 1.77
CA GLU A 224 29.81 -21.07 1.58
C GLU A 224 29.65 -21.68 0.20
N PHE A 225 28.41 -21.81 -0.27
CA PHE A 225 28.23 -22.33 -1.63
C PHE A 225 28.80 -21.38 -2.67
N VAL A 226 28.67 -20.06 -2.45
CA VAL A 226 29.28 -19.09 -3.37
C VAL A 226 30.78 -19.32 -3.46
N ASP A 227 31.43 -19.56 -2.32
CA ASP A 227 32.84 -19.94 -2.33
C ASP A 227 33.07 -21.18 -3.19
N PHE A 228 32.28 -22.24 -2.94
CA PHE A 228 32.45 -23.49 -3.68
C PHE A 228 32.38 -23.27 -5.18
N ILE A 229 31.33 -22.59 -5.65
CA ILE A 229 31.19 -22.40 -7.10
C ILE A 229 32.28 -21.49 -7.63
N LEU A 230 32.75 -20.53 -6.83
CA LEU A 230 33.89 -19.73 -7.25
C LEU A 230 35.15 -20.57 -7.41
N GLY A 231 35.21 -21.72 -6.76
CA GLY A 231 36.32 -22.63 -7.03
C GLY A 231 36.20 -23.49 -8.25
N ALA A 232 35.22 -23.25 -9.12
CA ALA A 232 34.98 -24.15 -10.26
C ALA A 232 36.12 -24.11 -11.26
N ASN A 233 36.43 -25.27 -11.84
CA ASN A 233 37.50 -25.40 -12.84
C ASN A 233 36.93 -25.00 -14.19
N VAL A 234 36.86 -23.69 -14.42
CA VAL A 234 36.32 -23.14 -15.65
C VAL A 234 37.12 -21.88 -16.00
N THR A 235 37.12 -21.54 -17.30
CA THR A 235 37.90 -20.42 -17.81
C THR A 235 37.00 -19.49 -18.62
N ILE A 236 36.93 -18.23 -18.19
CA ILE A 236 36.13 -17.21 -18.85
C ILE A 236 36.96 -15.94 -18.96
N GLU A 237 37.08 -15.41 -20.17
CA GLU A 237 37.86 -14.19 -20.39
C GLU A 237 37.07 -12.97 -19.93
N LYS A 238 37.75 -12.06 -19.27
CA LYS A 238 37.12 -10.89 -18.67
C LYS A 238 37.06 -9.74 -19.67
N THR A 239 36.00 -8.92 -19.54
CA THR A 239 35.62 -7.69 -20.22
C THR A 239 36.14 -6.48 -19.45
N PRO A 240 36.67 -5.45 -20.13
CA PRO A 240 37.18 -4.27 -19.42
C PRO A 240 36.11 -3.60 -18.57
N GLN A 241 36.57 -2.87 -17.56
CA GLN A 241 35.69 -2.41 -16.48
C GLN A 241 34.90 -1.17 -16.87
N THR A 242 35.57 -0.20 -17.49
CA THR A 242 35.00 1.10 -17.89
C THR A 242 34.09 1.69 -16.81
N LEU A 243 34.68 1.90 -15.63
CA LEU A 243 33.98 2.51 -14.51
C LEU A 243 34.27 4.01 -14.46
N THR A 244 33.23 4.80 -14.24
CA THR A 244 33.36 6.26 -14.27
C THR A 244 34.07 6.75 -13.01
N THR A 245 35.18 7.45 -13.19
CA THR A 245 35.98 7.97 -12.09
C THR A 245 36.07 9.48 -12.18
N LEU A 246 36.55 10.09 -11.09
CA LEU A 246 36.77 11.53 -11.07
C LEU A 246 37.72 11.95 -12.17
N SER A 247 38.69 11.10 -12.50
CA SER A 247 39.63 11.41 -13.58
C SER A 247 38.92 11.49 -14.92
N LEU A 248 37.99 10.58 -15.17
CA LEU A 248 37.21 10.62 -16.40
C LEU A 248 36.42 11.92 -16.52
N ILE A 249 35.95 12.46 -15.39
CA ILE A 249 35.19 13.70 -15.41
C ILE A 249 36.13 14.89 -15.65
N LYS A 250 37.25 14.92 -14.93
CA LYS A 250 38.20 16.02 -15.09
C LYS A 250 38.75 16.06 -16.52
N GLY A 251 39.14 14.89 -17.05
CA GLY A 251 39.61 14.81 -18.41
C GLY A 251 38.49 14.53 -19.39
N ALA A 252 37.60 15.50 -19.55
CA ALA A 252 36.45 15.35 -20.45
C ALA A 252 36.07 16.71 -21.02
N HIS A 253 35.28 16.69 -22.09
CA HIS A 253 34.87 17.92 -22.75
C HIS A 253 33.49 18.35 -22.25
N ARG A 254 32.74 19.05 -23.09
CA ARG A 254 31.39 19.49 -22.75
C ARG A 254 31.37 20.43 -21.55
N ASN A 255 32.40 21.25 -21.40
CA ASN A 255 32.46 22.18 -20.28
C ASN A 255 31.35 23.21 -20.39
N LEU A 256 30.76 23.57 -19.26
CA LEU A 256 29.69 24.57 -19.21
C LEU A 256 30.20 25.85 -18.58
N ASP A 257 30.19 26.94 -19.35
CA ASP A 257 30.52 28.24 -18.77
C ASP A 257 29.37 28.75 -17.92
N GLN A 258 28.13 28.43 -18.30
CA GLN A 258 26.94 28.90 -17.59
C GLN A 258 26.48 27.81 -16.63
N LYS A 259 26.65 28.06 -15.33
CA LYS A 259 26.29 27.12 -14.28
C LYS A 259 25.31 27.76 -13.31
N ASP A 260 24.42 28.60 -13.82
CA ASP A 260 23.53 29.33 -12.94
C ASP A 260 22.38 28.44 -12.48
N PRO A 261 22.03 28.50 -11.18
CA PRO A 261 20.93 27.68 -10.68
C PRO A 261 19.58 28.27 -11.05
N GLY A 262 18.58 27.41 -11.12
CA GLY A 262 17.22 27.83 -11.34
C GLY A 262 16.76 28.72 -10.20
N PRO A 263 15.93 29.73 -10.52
CA PRO A 263 15.45 30.62 -9.46
C PRO A 263 14.55 29.93 -8.45
N THR A 264 13.61 29.12 -8.93
CA THR A 264 12.64 28.44 -8.08
C THR A 264 12.49 27.00 -8.55
N PRO A 265 11.99 26.12 -7.69
CA PRO A 265 11.76 24.74 -8.13
C PRO A 265 10.75 24.67 -9.26
N ILE A 266 10.89 23.65 -10.09
CA ILE A 266 10.02 23.44 -11.24
C ILE A 266 9.56 21.99 -11.28
N LEU A 267 8.44 21.76 -11.95
CA LEU A 267 7.90 20.42 -12.12
C LEU A 267 8.40 19.78 -13.42
N VAL A 268 8.37 20.52 -14.51
CA VAL A 268 8.68 19.99 -15.84
C VAL A 268 10.05 20.52 -16.25
N CYS A 269 10.96 19.60 -16.59
CA CYS A 269 12.31 19.95 -17.01
C CYS A 269 12.34 19.99 -18.54
N LYS A 270 12.24 21.19 -19.10
CA LYS A 270 12.29 21.35 -20.54
C LYS A 270 13.74 21.44 -21.00
N SER A 271 14.03 20.78 -22.13
CA SER A 271 15.37 20.64 -22.67
C SER A 271 16.33 20.16 -21.59
N PRO A 272 16.23 18.91 -21.17
CA PRO A 272 17.08 18.42 -20.08
C PRO A 272 18.45 17.99 -20.58
N GLN A 273 19.45 18.22 -19.71
CA GLN A 273 20.81 17.74 -19.98
C GLN A 273 21.42 17.23 -18.69
N LYS A 274 22.20 16.14 -18.77
CA LYS A 274 22.88 15.67 -17.57
C LYS A 274 24.06 16.57 -17.30
N VAL A 275 24.35 16.80 -16.02
CA VAL A 275 25.47 17.64 -15.62
C VAL A 275 26.18 16.98 -14.44
N VAL A 276 27.51 16.99 -14.47
CA VAL A 276 28.34 16.48 -13.38
C VAL A 276 29.30 17.60 -13.00
N CYS A 277 29.23 18.04 -11.75
CA CYS A 277 30.00 19.21 -11.30
C CYS A 277 30.91 18.84 -10.14
N TYR A 278 32.18 19.24 -10.24
CA TYR A 278 33.18 18.98 -9.22
C TYR A 278 33.94 20.25 -8.92
N SER A 279 34.38 20.40 -7.65
CA SER A 279 35.11 21.59 -7.28
C SER A 279 36.53 21.54 -7.83
N PRO A 280 37.10 22.70 -8.18
CA PRO A 280 38.42 22.69 -8.83
C PRO A 280 39.57 22.31 -7.90
N ARG A 281 39.49 22.65 -6.62
CA ARG A 281 40.58 22.40 -5.69
C ARG A 281 40.11 21.58 -4.50
N GLY A 282 41.07 20.94 -3.83
CA GLY A 282 40.78 20.13 -2.66
C GLY A 282 40.10 18.82 -3.00
N VAL A 283 40.00 17.93 -2.00
CA VAL A 283 39.31 16.66 -2.21
C VAL A 283 37.84 16.95 -2.49
N THR A 284 37.32 16.32 -3.53
CA THR A 284 35.93 16.57 -3.93
C THR A 284 35.33 15.28 -4.46
N HIS A 285 34.01 15.20 -4.37
CA HIS A 285 33.24 14.09 -4.93
C HIS A 285 32.21 14.68 -5.87
N PRO A 286 32.30 14.42 -7.18
CA PRO A 286 31.42 15.09 -8.14
C PRO A 286 29.95 14.89 -7.81
N GLY A 287 29.18 15.96 -7.94
CA GLY A 287 27.75 15.93 -7.72
C GLY A 287 26.99 15.91 -9.03
N ASP A 288 25.81 15.29 -8.99
CA ASP A 288 24.97 15.12 -10.17
C ASP A 288 23.88 16.18 -10.18
N TYR A 289 23.70 16.79 -11.35
CA TYR A 289 22.70 17.84 -11.55
C TYR A 289 22.05 17.64 -12.90
N ILE A 290 20.94 18.34 -13.10
CA ILE A 290 20.20 18.32 -14.35
C ILE A 290 19.94 19.76 -14.76
N SER A 291 20.18 20.05 -16.05
CA SER A 291 19.95 21.39 -16.58
C SER A 291 18.63 21.41 -17.34
N CYS A 292 17.77 22.37 -17.00
CA CYS A 292 16.45 22.55 -17.59
C CYS A 292 16.35 23.98 -18.07
N LYS A 293 16.31 24.17 -19.39
CA LYS A 293 16.39 25.50 -20.00
C LYS A 293 17.63 26.23 -19.53
N SER A 294 18.75 25.51 -19.47
CA SER A 294 20.07 26.07 -19.12
C SER A 294 20.12 26.57 -17.68
N LYS A 295 19.28 26.01 -16.80
CA LYS A 295 19.31 26.33 -15.39
C LYS A 295 19.56 25.06 -14.59
N MET A 296 20.32 25.21 -13.50
CA MET A 296 20.84 24.08 -12.75
C MET A 296 19.87 23.64 -11.66
N TYR A 297 19.63 22.33 -11.60
CA TYR A 297 18.75 21.74 -10.61
C TYR A 297 19.38 20.47 -10.07
N LYS A 298 19.03 20.13 -8.83
CA LYS A 298 19.62 18.96 -8.18
C LYS A 298 19.04 17.67 -8.75
N TRP A 299 19.90 16.70 -9.01
CA TRP A 299 19.48 15.42 -9.55
C TRP A 299 18.75 14.62 -8.48
N PRO A 300 17.50 14.22 -8.69
CA PRO A 300 16.72 13.60 -7.62
C PRO A 300 17.14 12.16 -7.36
N SER A 301 17.00 11.75 -6.10
CA SER A 301 17.42 10.42 -5.68
C SER A 301 16.53 9.34 -6.26
N LEU A 302 15.28 9.68 -6.58
CA LEU A 302 14.33 8.72 -7.12
C LEU A 302 14.43 8.56 -8.63
N GLY A 303 15.39 9.23 -9.26
CA GLY A 303 15.61 9.09 -10.68
C GLY A 303 14.87 10.13 -11.50
N VAL A 304 15.30 10.25 -12.76
CA VAL A 304 14.69 11.15 -13.73
C VAL A 304 13.97 10.30 -14.76
N TYR A 305 12.74 10.69 -15.10
CA TYR A 305 11.88 9.91 -15.97
C TYR A 305 11.43 10.76 -17.15
N LYS A 306 11.00 10.09 -18.22
CA LYS A 306 10.41 10.79 -19.36
C LYS A 306 8.98 11.20 -19.01
N HIS A 307 8.69 12.48 -19.20
CA HIS A 307 7.33 12.97 -18.99
C HIS A 307 6.36 12.24 -19.93
N ASN A 308 5.36 11.57 -19.35
CA ASN A 308 4.43 10.81 -20.18
C ASN A 308 3.61 11.72 -21.08
N ARG A 309 3.39 12.98 -20.68
CA ARG A 309 2.68 13.91 -21.54
C ARG A 309 3.56 14.47 -22.65
N ASP A 310 4.86 14.61 -22.41
CA ASP A 310 5.80 15.01 -23.46
C ASP A 310 7.12 14.29 -23.17
N GLN A 311 7.45 13.28 -23.96
CA GLN A 311 8.60 12.43 -23.65
C GLN A 311 9.95 13.11 -23.86
N GLN A 312 9.98 14.32 -24.43
CA GLN A 312 11.20 15.10 -24.52
C GLN A 312 11.39 16.02 -23.32
N GLN A 313 10.56 15.87 -22.29
CA GLN A 313 10.68 16.60 -21.05
C GLN A 313 10.97 15.64 -19.91
N ALA A 314 11.72 16.10 -18.93
CA ALA A 314 12.16 15.27 -17.81
C ALA A 314 11.34 15.57 -16.56
N CYS A 315 11.04 14.52 -15.80
CA CYS A 315 10.32 14.64 -14.55
C CYS A 315 11.12 13.99 -13.43
N SER A 316 10.87 14.46 -12.21
CA SER A 316 11.50 13.90 -11.02
C SER A 316 10.62 12.82 -10.42
N SER A 317 11.24 11.68 -10.08
CA SER A 317 10.66 10.62 -9.25
C SER A 317 9.71 9.70 -10.02
N ASP A 318 8.94 10.22 -10.97
CA ASP A 318 8.13 9.39 -11.85
C ASP A 318 7.77 10.19 -13.09
N THR A 319 7.00 9.56 -13.98
CA THR A 319 6.71 10.14 -15.29
C THR A 319 5.61 11.19 -15.27
N HIS A 320 5.02 11.50 -14.11
CA HIS A 320 3.88 12.40 -14.03
C HIS A 320 4.27 13.83 -13.70
N CYS A 321 5.56 14.11 -13.47
CA CYS A 321 6.04 15.45 -13.14
C CYS A 321 5.31 16.04 -11.94
N LEU A 322 5.11 15.20 -10.91
CA LEU A 322 4.47 15.65 -9.68
C LEU A 322 5.47 16.14 -8.65
N GLU A 323 6.74 15.75 -8.76
CA GLU A 323 7.76 16.10 -7.80
C GLU A 323 8.58 17.29 -8.31
N MET A 324 8.86 18.24 -7.42
CA MET A 324 9.58 19.44 -7.80
C MET A 324 11.07 19.15 -7.98
N PHE A 325 11.65 19.70 -9.05
CA PHE A 325 13.09 19.72 -9.21
C PHE A 325 13.66 20.80 -8.29
N GLU A 326 14.57 20.41 -7.41
CA GLU A 326 15.18 21.41 -6.51
C GLU A 326 16.29 22.15 -7.24
N PRO A 327 16.30 23.48 -7.22
CA PRO A 327 17.40 24.23 -7.83
C PRO A 327 18.72 23.89 -7.14
N ALA A 328 19.81 24.06 -7.90
CA ALA A 328 21.12 23.71 -7.40
C ALA A 328 21.57 24.71 -6.33
N GLU A 329 22.61 24.32 -5.59
CA GLU A 329 23.17 25.19 -4.57
C GLU A 329 23.81 26.42 -5.22
N ARG A 330 24.04 27.43 -4.39
CA ARG A 330 24.49 28.72 -4.91
C ARG A 330 25.95 28.68 -5.36
N THR A 331 26.74 27.75 -4.81
CA THR A 331 28.15 27.63 -5.13
C THR A 331 28.42 26.91 -6.44
N ILE A 332 27.37 26.48 -7.16
CA ILE A 332 27.56 25.70 -8.37
C ILE A 332 28.33 26.48 -9.42
N THR A 333 28.20 27.81 -9.43
CA THR A 333 28.95 28.63 -10.38
C THR A 333 30.46 28.52 -10.15
N THR A 334 30.88 28.33 -8.89
CA THR A 334 32.31 28.24 -8.60
C THR A 334 32.90 26.91 -9.03
N LYS A 335 32.08 25.86 -9.09
CA LYS A 335 32.57 24.54 -9.44
C LYS A 335 32.61 24.36 -10.95
N ILE A 336 33.39 23.38 -11.39
CA ILE A 336 33.50 23.02 -12.81
C ILE A 336 32.38 22.05 -13.14
N CYS A 337 31.80 22.17 -14.34
CA CYS A 337 30.69 21.33 -14.72
C CYS A 337 30.90 20.78 -16.13
N LYS A 338 30.77 19.47 -16.26
CA LYS A 338 30.81 18.78 -17.54
C LYS A 338 29.41 18.29 -17.87
N VAL A 339 28.94 18.58 -19.08
CA VAL A 339 27.68 18.03 -19.53
C VAL A 339 27.84 16.54 -19.81
N SER A 340 26.91 15.74 -19.30
CA SER A 340 26.91 14.30 -19.51
C SER A 340 25.58 13.85 -20.11
N ASP A 341 25.68 12.77 -20.89
CA ASP A 341 24.54 12.20 -21.59
C ASP A 341 23.39 11.92 -20.63
N MET A 342 22.18 12.19 -21.10
CA MET A 342 21.00 12.00 -20.28
C MET A 342 20.77 10.53 -19.98
N THR A 343 20.59 10.19 -18.71
CA THR A 343 20.28 8.84 -18.27
C THR A 343 18.95 8.86 -17.55
N TYR A 344 17.97 8.14 -18.10
CA TYR A 344 16.65 8.06 -17.49
C TYR A 344 16.52 6.76 -16.70
N SER A 345 15.56 6.76 -15.78
CA SER A 345 15.38 5.62 -14.88
C SER A 345 14.84 4.42 -15.64
N GLU A 346 15.35 3.24 -15.29
CA GLU A 346 14.85 1.97 -15.80
C GLU A 346 14.04 1.21 -14.75
N SER A 347 13.60 1.90 -13.71
CA SER A 347 12.78 1.31 -12.67
C SER A 347 11.37 1.03 -13.20
N PRO A 348 10.57 0.25 -12.48
CA PRO A 348 9.20 -0.04 -12.97
C PRO A 348 8.33 1.19 -13.16
N TYR A 349 8.69 2.33 -12.60
CA TYR A 349 7.92 3.55 -12.84
C TYR A 349 8.12 4.09 -14.24
N SER A 350 9.11 3.59 -14.97
CA SER A 350 9.39 4.08 -16.32
C SER A 350 8.58 3.36 -17.39
N THR A 351 8.14 2.14 -17.13
CA THR A 351 7.44 1.32 -18.11
C THR A 351 5.95 1.32 -17.83
N GLY A 352 5.15 1.63 -18.85
CA GLY A 352 3.72 1.66 -18.69
C GLY A 352 3.08 0.31 -18.94
N ILE A 353 1.88 0.14 -18.41
CA ILE A 353 1.14 -1.12 -18.54
C ILE A 353 -0.30 -0.83 -18.90
N PRO A 354 -0.94 -1.75 -19.62
CA PRO A 354 -2.33 -1.56 -20.01
C PRO A 354 -3.31 -2.15 -19.01
N SER A 355 -2.84 -3.10 -18.21
CA SER A 355 -3.71 -3.83 -17.30
C SER A 355 -2.87 -4.36 -16.15
N CYS A 356 -3.55 -4.75 -15.07
CA CYS A 356 -2.85 -5.34 -13.93
C CYS A 356 -3.84 -6.07 -13.05
N ASN A 357 -3.32 -7.00 -12.25
CA ASN A 357 -4.11 -7.63 -11.20
C ASN A 357 -4.24 -6.65 -10.04
N VAL A 358 -5.47 -6.23 -9.76
CA VAL A 358 -5.73 -5.15 -8.81
C VAL A 358 -5.92 -5.74 -7.41
N LYS A 359 -5.12 -5.26 -6.45
CA LYS A 359 -5.35 -5.62 -5.05
C LYS A 359 -6.50 -4.83 -4.47
N ARG A 360 -6.59 -3.54 -4.78
CA ARG A 360 -7.67 -2.71 -4.26
C ARG A 360 -7.75 -1.42 -5.06
N PHE A 361 -8.98 -0.92 -5.20
CA PHE A 361 -9.25 0.41 -5.74
C PHE A 361 -9.40 1.40 -4.60
N GLY A 362 -8.87 2.60 -4.79
CA GLY A 362 -8.98 3.65 -3.81
C GLY A 362 -9.23 4.99 -4.45
N SER A 363 -9.27 6.03 -3.61
CA SER A 363 -9.38 7.41 -4.06
C SER A 363 -8.25 8.20 -3.44
N CYS A 364 -7.64 9.07 -4.24
CA CYS A 364 -6.45 9.78 -3.77
C CYS A 364 -6.51 11.23 -4.21
N ASN A 365 -6.00 12.12 -3.35
CA ASN A 365 -6.11 13.56 -3.55
C ASN A 365 -4.79 14.09 -4.11
N VAL A 366 -4.71 14.22 -5.43
CA VAL A 366 -3.54 14.79 -6.11
C VAL A 366 -3.88 16.21 -6.54
N ARG A 367 -2.94 17.13 -6.32
CA ARG A 367 -3.08 18.53 -6.72
C ARG A 367 -4.38 19.16 -6.20
N GLY A 368 -4.92 18.61 -5.11
CA GLY A 368 -6.13 19.12 -4.52
C GLY A 368 -7.42 18.56 -5.07
N HIS A 369 -7.37 17.44 -5.81
CA HIS A 369 -8.57 16.86 -6.40
C HIS A 369 -8.52 15.35 -6.31
N GLN A 370 -9.71 14.74 -6.32
CA GLN A 370 -9.83 13.31 -6.16
C GLN A 370 -9.60 12.58 -7.48
N TRP A 371 -8.92 11.45 -7.40
CA TRP A 371 -8.62 10.59 -8.55
C TRP A 371 -8.79 9.15 -8.12
N GLN A 372 -9.52 8.37 -8.92
CA GLN A 372 -9.62 6.95 -8.65
C GLN A 372 -8.28 6.29 -8.99
N ILE A 373 -7.78 5.49 -8.04
CA ILE A 373 -6.48 4.84 -8.19
C ILE A 373 -6.65 3.35 -7.95
N ALA A 374 -5.64 2.59 -8.37
CA ALA A 374 -5.57 1.17 -8.09
C ALA A 374 -4.18 0.82 -7.60
N GLU A 375 -4.11 -0.05 -6.60
CA GLU A 375 -2.86 -0.65 -6.17
C GLU A 375 -2.76 -2.02 -6.81
N CYS A 376 -1.79 -2.19 -7.71
CA CYS A 376 -1.62 -3.46 -8.37
C CYS A 376 -0.85 -4.43 -7.47
N SER A 377 -0.73 -5.68 -7.94
CA SER A 377 -0.06 -6.71 -7.17
C SER A 377 1.41 -6.36 -6.94
N ASN A 378 2.01 -5.58 -7.82
CA ASN A 378 3.38 -5.13 -7.65
C ASN A 378 3.52 -4.00 -6.65
N GLY A 379 2.41 -3.53 -6.06
CA GLY A 379 2.44 -2.47 -5.08
C GLY A 379 2.35 -1.07 -5.65
N LEU A 380 2.48 -0.90 -6.96
CA LEU A 380 2.48 0.42 -7.56
C LEU A 380 1.07 0.97 -7.69
N PHE A 381 0.96 2.30 -7.69
CA PHE A 381 -0.31 2.99 -7.81
C PHE A 381 -0.51 3.49 -9.23
N TYR A 382 -1.71 3.29 -9.77
CA TYR A 382 -2.02 3.75 -11.11
C TYR A 382 -3.34 4.52 -11.11
N TYR A 383 -3.38 5.61 -11.88
CA TYR A 383 -4.66 6.22 -12.20
C TYR A 383 -5.51 5.23 -12.98
N VAL A 384 -6.80 5.17 -12.65
CA VAL A 384 -7.71 4.19 -13.24
C VAL A 384 -8.66 4.94 -14.17
N SER A 385 -8.72 4.50 -15.43
CA SER A 385 -9.66 5.06 -16.38
C SER A 385 -11.08 4.90 -15.87
N ALA A 386 -11.92 5.89 -16.15
CA ALA A 386 -13.34 5.79 -15.81
C ALA A 386 -14.01 4.65 -16.57
N LYS A 387 -13.38 4.16 -17.64
CA LYS A 387 -13.88 3.05 -18.43
C LYS A 387 -13.14 1.75 -18.15
N ALA A 388 -12.42 1.67 -17.03
CA ALA A 388 -11.70 0.46 -16.67
C ALA A 388 -12.67 -0.70 -16.47
N HIS A 389 -12.21 -1.90 -16.79
CA HIS A 389 -13.04 -3.09 -16.66
C HIS A 389 -12.14 -4.30 -16.48
N SER A 390 -12.71 -5.34 -15.86
CA SER A 390 -11.97 -6.57 -15.65
C SER A 390 -12.01 -7.44 -16.89
N LYS A 391 -11.03 -8.34 -16.99
CA LYS A 391 -10.98 -9.28 -18.10
C LYS A 391 -11.81 -10.52 -17.79
N THR A 392 -11.99 -11.35 -18.82
CA THR A 392 -13.04 -12.36 -18.77
C THR A 392 -12.79 -13.41 -17.70
N ASN A 393 -11.55 -13.88 -17.59
CA ASN A 393 -11.25 -15.05 -16.78
C ASN A 393 -10.62 -14.72 -15.44
N ASP A 394 -10.62 -13.46 -15.03
CA ASP A 394 -9.95 -13.04 -13.80
C ASP A 394 -10.64 -11.79 -13.28
N ILE A 395 -11.30 -11.90 -12.12
CA ILE A 395 -12.04 -10.78 -11.56
C ILE A 395 -11.12 -9.69 -11.01
N THR A 396 -9.83 -9.96 -10.87
CA THR A 396 -8.88 -8.97 -10.38
C THR A 396 -8.04 -8.35 -11.49
N LEU A 397 -8.09 -8.90 -12.71
CA LEU A 397 -7.28 -8.41 -13.82
C LEU A 397 -8.05 -7.32 -14.55
N TYR A 398 -7.62 -6.07 -14.35
CA TYR A 398 -8.34 -4.91 -14.86
C TYR A 398 -7.53 -4.18 -15.92
N CYS A 399 -8.22 -3.76 -16.98
CA CYS A 399 -7.68 -2.80 -17.92
C CYS A 399 -7.59 -1.44 -17.23
N LEU A 400 -6.39 -0.87 -17.20
CA LEU A 400 -6.23 0.44 -16.58
C LEU A 400 -6.59 1.57 -17.55
N SER A 401 -6.48 1.32 -18.84
CA SER A 401 -6.90 2.27 -19.87
C SER A 401 -8.21 1.80 -20.48
N ALA A 402 -8.88 2.72 -21.17
CA ALA A 402 -10.21 2.44 -21.70
C ALA A 402 -10.15 1.29 -22.72
N ASN A 403 -9.20 1.34 -23.66
CA ASN A 403 -9.14 0.35 -24.72
C ASN A 403 -8.30 -0.88 -24.36
N CYS A 404 -7.82 -0.94 -23.13
CA CYS A 404 -7.02 -2.04 -22.62
C CYS A 404 -5.71 -2.21 -23.36
N LEU A 405 -5.32 -1.22 -24.14
CA LEU A 405 -4.06 -1.28 -24.87
C LEU A 405 -3.12 -0.13 -24.52
N ASP A 406 -3.67 1.07 -24.30
CA ASP A 406 -2.86 2.23 -24.00
C ASP A 406 -2.16 2.06 -22.67
N LEU A 407 -0.89 2.46 -22.63
CA LEU A 407 -0.05 2.30 -21.46
C LEU A 407 -0.34 3.36 -20.41
N ARG A 408 -0.30 2.95 -19.14
CA ARG A 408 -0.49 3.85 -18.01
C ARG A 408 0.63 3.63 -17.01
N TYR A 409 1.11 4.72 -16.43
CA TYR A 409 2.34 4.70 -15.64
C TYR A 409 2.06 4.92 -14.17
N ALA A 410 2.86 4.28 -13.33
CA ALA A 410 2.71 4.40 -11.90
C ALA A 410 3.10 5.80 -11.44
N PHE A 411 2.62 6.16 -10.25
CA PHE A 411 2.99 7.40 -9.59
C PHE A 411 3.33 7.10 -8.15
N ARG A 412 4.26 7.86 -7.59
CA ARG A 412 4.67 7.63 -6.21
C ARG A 412 3.52 7.91 -5.27
N SER A 413 3.38 7.06 -4.26
CA SER A 413 2.32 7.23 -3.27
C SER A 413 2.47 8.53 -2.51
N SER A 414 3.67 9.10 -2.46
CA SER A 414 3.90 10.34 -1.72
C SER A 414 3.21 11.53 -2.36
N SER A 415 2.96 11.49 -3.66
CA SER A 415 2.21 12.56 -4.29
C SER A 415 0.73 12.51 -3.93
N CYS A 416 0.26 11.38 -3.39
CA CYS A 416 -1.08 11.31 -2.84
C CYS A 416 -1.12 11.92 -1.44
N SER A 417 -2.31 12.35 -1.06
CA SER A 417 -2.64 12.64 0.32
C SER A 417 -4.10 12.27 0.53
N ASP A 418 -4.43 11.89 1.77
CA ASP A 418 -5.80 11.49 2.11
C ASP A 418 -6.29 10.35 1.22
N ILE A 419 -5.51 9.26 1.19
CA ILE A 419 -5.92 8.08 0.45
C ILE A 419 -7.09 7.42 1.16
N VAL A 420 -8.11 7.05 0.41
CA VAL A 420 -9.31 6.41 0.95
C VAL A 420 -9.53 5.09 0.22
N TRP A 421 -9.46 4.00 0.97
CA TRP A 421 -9.69 2.68 0.39
C TRP A 421 -11.14 2.24 0.61
N THR B 14 -45.64 3.65 -3.89
CA THR B 14 -45.93 4.84 -3.09
C THR B 14 -44.66 5.64 -2.83
N SER B 15 -44.53 6.77 -3.53
CA SER B 15 -43.35 7.61 -3.38
C SER B 15 -43.28 8.18 -1.96
N ILE B 16 -42.10 8.10 -1.35
CA ILE B 16 -41.87 8.59 -0.01
C ILE B 16 -40.81 9.68 -0.08
N ASN B 17 -40.77 10.50 0.97
CA ASN B 17 -39.76 11.54 1.09
C ASN B 17 -38.60 11.01 1.93
N CYS B 18 -37.42 10.89 1.29
CA CYS B 18 -36.24 10.42 1.99
C CYS B 18 -35.56 11.51 2.81
N LYS B 19 -35.81 12.79 2.50
CA LYS B 19 -35.30 13.88 3.33
C LYS B 19 -36.00 13.93 4.68
N ASN B 20 -37.29 13.64 4.71
CA ASN B 20 -38.06 13.58 5.94
C ASN B 20 -38.92 12.34 5.87
N ILE B 21 -38.58 11.29 6.62
CA ILE B 21 -39.26 10.02 6.50
C ILE B 21 -40.23 9.88 7.66
N GLN B 22 -41.50 9.62 7.34
CA GLN B 22 -42.50 9.47 8.37
C GLN B 22 -42.33 8.15 9.11
N SER B 23 -42.82 8.11 10.35
CA SER B 23 -42.72 6.91 11.16
C SER B 23 -43.43 5.73 10.49
N THR B 24 -44.40 6.03 9.63
CA THR B 24 -45.16 4.99 8.96
C THR B 24 -44.27 4.15 8.06
N GLN B 25 -43.30 4.79 7.41
CA GLN B 25 -42.50 4.16 6.37
C GLN B 25 -41.16 3.58 6.85
N LEU B 26 -40.94 3.45 8.16
CA LEU B 26 -39.68 2.88 8.65
C LEU B 26 -39.70 1.35 8.66
N THR B 27 -39.81 0.75 7.47
CA THR B 27 -39.74 -0.68 7.27
C THR B 27 -38.85 -0.98 6.07
N ILE B 28 -38.40 -2.23 5.97
CA ILE B 28 -37.57 -2.64 4.85
C ILE B 28 -38.31 -2.38 3.53
N GLU B 29 -39.60 -2.70 3.51
CA GLU B 29 -40.42 -2.48 2.32
C GLU B 29 -40.33 -1.04 1.84
N HIS B 30 -40.44 -0.07 2.75
CA HIS B 30 -40.40 1.33 2.36
C HIS B 30 -38.99 1.90 2.39
N LEU B 31 -38.15 1.51 3.35
CA LEU B 31 -36.79 2.04 3.41
C LEU B 31 -35.98 1.63 2.18
N SER B 32 -36.30 0.48 1.58
CA SER B 32 -35.59 0.06 0.38
C SER B 32 -35.79 1.02 -0.78
N LYS B 33 -36.80 1.88 -0.72
CA LYS B 33 -37.07 2.84 -1.77
C LYS B 33 -36.17 4.07 -1.69
N CYS B 34 -35.40 4.22 -0.61
CA CYS B 34 -34.48 5.33 -0.47
C CYS B 34 -33.03 4.94 -0.71
N MET B 35 -32.79 3.75 -1.27
CA MET B 35 -31.46 3.41 -1.72
C MET B 35 -31.08 4.29 -2.90
N ALA B 36 -29.84 4.78 -2.89
CA ALA B 36 -29.43 5.84 -3.82
C ALA B 36 -29.72 5.45 -5.27
N PHE B 37 -29.33 4.23 -5.66
CA PHE B 37 -29.52 3.81 -7.04
C PHE B 37 -30.99 3.85 -7.46
N TYR B 38 -31.91 3.78 -6.50
CA TYR B 38 -33.33 3.77 -6.83
C TYR B 38 -33.83 5.15 -7.22
N GLN B 39 -33.09 6.20 -6.89
CA GLN B 39 -33.49 7.54 -7.32
C GLN B 39 -33.34 7.74 -8.82
N ASN B 40 -32.70 6.79 -9.52
CA ASN B 40 -32.65 6.75 -10.97
C ASN B 40 -31.83 7.89 -11.58
N LYS B 41 -31.04 8.59 -10.76
CA LYS B 41 -30.20 9.69 -11.24
C LYS B 41 -28.84 9.13 -11.61
N THR B 42 -28.57 9.03 -12.91
CA THR B 42 -27.36 8.37 -13.41
C THR B 42 -26.27 9.34 -13.84
N SER B 43 -26.51 10.64 -13.82
CA SER B 43 -25.54 11.61 -14.30
C SER B 43 -25.73 12.94 -13.57
N SER B 44 -24.90 13.91 -13.95
CA SER B 44 -24.97 15.31 -13.50
C SER B 44 -24.93 15.42 -11.99
N PRO B 45 -23.76 15.33 -11.37
CA PRO B 45 -23.69 15.46 -9.91
C PRO B 45 -24.02 16.88 -9.46
N VAL B 46 -24.72 16.96 -8.33
CA VAL B 46 -25.13 18.24 -7.74
C VAL B 46 -24.14 18.60 -6.64
N VAL B 47 -23.84 19.90 -6.53
CA VAL B 47 -22.90 20.36 -5.52
C VAL B 47 -23.51 20.21 -4.13
N ILE B 48 -22.64 20.02 -3.13
CA ILE B 48 -23.11 19.70 -1.79
C ILE B 48 -23.89 20.86 -1.19
N ASN B 49 -23.47 22.10 -1.46
CA ASN B 49 -24.16 23.27 -0.93
C ASN B 49 -25.54 23.47 -1.57
N GLU B 50 -25.74 22.98 -2.80
CA GLU B 50 -27.04 23.03 -3.47
C GLU B 50 -27.98 21.90 -3.04
N ILE B 51 -27.43 20.76 -2.63
CA ILE B 51 -28.25 19.61 -2.26
C ILE B 51 -29.07 19.90 -1.01
N ILE B 52 -28.49 20.63 -0.05
CA ILE B 52 -29.07 20.79 1.27
C ILE B 52 -29.82 22.13 1.39
N SER B 53 -30.27 22.70 0.28
CA SER B 53 -30.89 24.02 0.32
C SER B 53 -32.18 24.01 1.12
N ASP B 54 -32.99 22.96 0.98
CA ASP B 54 -34.26 22.86 1.70
C ASP B 54 -34.02 22.27 3.09
N ALA B 55 -33.34 23.06 3.92
CA ALA B 55 -33.00 22.61 5.26
C ALA B 55 -32.75 23.81 6.15
N SER B 56 -32.93 23.62 7.46
CA SER B 56 -32.69 24.68 8.41
C SER B 56 -31.20 25.04 8.44
N VAL B 57 -30.90 26.15 9.10
CA VAL B 57 -29.50 26.56 9.24
C VAL B 57 -28.74 25.58 10.13
N ASP B 58 -29.43 24.97 11.09
CA ASP B 58 -28.79 23.93 11.91
C ASP B 58 -28.48 22.69 11.07
N GLU B 59 -29.41 22.30 10.20
CA GLU B 59 -29.17 21.15 9.33
C GLU B 59 -27.97 21.37 8.43
N GLN B 60 -27.96 22.50 7.71
CA GLN B 60 -26.90 22.76 6.75
C GLN B 60 -25.57 23.02 7.44
N GLU B 61 -25.59 23.67 8.60
CA GLU B 61 -24.37 23.80 9.40
C GLU B 61 -23.83 22.43 9.80
N LEU B 62 -24.74 21.54 10.22
CA LEU B 62 -24.32 20.21 10.66
C LEU B 62 -23.74 19.39 9.51
N ILE B 63 -24.36 19.46 8.33
CA ILE B 63 -23.84 18.72 7.18
C ILE B 63 -22.53 19.32 6.71
N LYS B 64 -22.44 20.65 6.66
CA LYS B 64 -21.18 21.30 6.33
C LYS B 64 -20.08 20.93 7.32
N SER B 65 -20.46 20.58 8.56
CA SER B 65 -19.46 20.16 9.54
C SER B 65 -18.86 18.79 9.24
N LEU B 66 -19.40 18.06 8.26
CA LEU B 66 -18.92 16.72 7.95
C LEU B 66 -17.93 16.67 6.80
N ASN B 67 -17.95 17.67 5.92
CA ASN B 67 -17.16 17.65 4.68
C ASN B 67 -17.42 16.39 3.88
N LEU B 68 -18.69 16.15 3.59
CA LEU B 68 -19.09 14.96 2.86
C LEU B 68 -18.54 14.99 1.45
N ASN B 69 -17.90 13.89 1.05
CA ASN B 69 -17.56 13.64 -0.34
C ASN B 69 -17.84 12.17 -0.64
N CYS B 70 -17.70 11.81 -1.91
CA CYS B 70 -18.16 10.51 -2.38
C CYS B 70 -17.39 9.35 -1.75
N ASN B 71 -16.20 9.60 -1.22
CA ASN B 71 -15.37 8.54 -0.68
C ASN B 71 -15.61 8.28 0.80
N VAL B 72 -16.32 9.17 1.49
CA VAL B 72 -16.54 9.04 2.93
C VAL B 72 -18.01 8.94 3.30
N ILE B 73 -18.94 9.26 2.40
CA ILE B 73 -20.33 9.37 2.78
C ILE B 73 -20.93 8.01 3.16
N ASP B 74 -20.43 6.92 2.56
CA ASP B 74 -20.92 5.60 2.94
C ASP B 74 -20.50 5.25 4.36
N ARG B 75 -19.28 5.62 4.75
CA ARG B 75 -18.85 5.42 6.13
C ARG B 75 -19.69 6.25 7.09
N PHE B 76 -20.06 7.47 6.68
CA PHE B 76 -20.97 8.28 7.49
C PHE B 76 -22.33 7.62 7.62
N ILE B 77 -22.81 6.97 6.55
CA ILE B 77 -24.09 6.29 6.61
C ILE B 77 -24.03 5.12 7.59
N SER B 78 -23.05 4.24 7.42
CA SER B 78 -22.95 3.08 8.29
C SER B 78 -22.51 3.44 9.71
N GLU B 79 -22.01 4.64 9.93
CA GLU B 79 -21.47 5.02 11.23
C GLU B 79 -22.44 5.83 12.09
N SER B 80 -23.40 6.52 11.48
CA SER B 80 -24.45 7.17 12.27
C SER B 80 -25.44 6.12 12.76
N SER B 81 -26.11 6.44 13.86
CA SER B 81 -26.90 5.45 14.57
C SER B 81 -28.40 5.58 14.38
N VAL B 82 -28.88 6.71 13.84
CA VAL B 82 -30.32 6.94 13.66
C VAL B 82 -30.67 6.71 12.19
N ILE B 83 -31.72 5.92 11.96
CA ILE B 83 -32.04 5.48 10.60
C ILE B 83 -32.42 6.67 9.73
N GLU B 84 -33.11 7.65 10.31
CA GLU B 84 -33.47 8.85 9.57
C GLU B 84 -32.24 9.53 8.99
N THR B 85 -31.20 9.69 9.82
CA THR B 85 -29.97 10.31 9.37
C THR B 85 -29.31 9.50 8.26
N GLN B 86 -29.28 8.18 8.41
CA GLN B 86 -28.68 7.33 7.37
C GLN B 86 -29.42 7.48 6.05
N VAL B 87 -30.74 7.54 6.09
CA VAL B 87 -31.51 7.71 4.85
C VAL B 87 -31.23 9.06 4.21
N TYR B 88 -31.17 10.12 5.03
CA TYR B 88 -30.88 11.44 4.47
C TYR B 88 -29.49 11.46 3.83
N TYR B 89 -28.50 10.87 4.49
CA TYR B 89 -27.17 10.81 3.92
C TYR B 89 -27.17 10.00 2.63
N GLU B 90 -28.00 8.96 2.56
CA GLU B 90 -28.07 8.15 1.35
C GLU B 90 -28.67 8.95 0.19
N TYR B 91 -29.71 9.74 0.45
CA TYR B 91 -30.27 10.59 -0.59
C TYR B 91 -29.24 11.62 -1.06
N ILE B 92 -28.58 12.29 -0.10
CA ILE B 92 -27.50 13.21 -0.43
C ILE B 92 -26.47 12.53 -1.32
N LYS B 93 -26.16 11.27 -1.03
CA LYS B 93 -25.22 10.52 -1.86
C LYS B 93 -25.78 10.30 -3.26
N SER B 94 -27.09 10.06 -3.37
CA SER B 94 -27.71 9.92 -4.69
C SER B 94 -27.57 11.19 -5.50
N GLN B 95 -27.63 12.36 -4.84
CA GLN B 95 -27.49 13.62 -5.58
C GLN B 95 -26.03 13.98 -5.84
N LEU B 96 -25.11 13.53 -4.98
CA LEU B 96 -23.73 13.97 -5.01
C LEU B 96 -22.83 13.08 -5.87
N CYS B 97 -23.15 11.79 -5.95
CA CYS B 97 -22.26 10.80 -6.59
C CYS B 97 -23.05 9.90 -7.54
N PRO B 98 -23.71 10.46 -8.56
CA PRO B 98 -24.53 9.61 -9.43
C PRO B 98 -23.73 8.59 -10.22
N LEU B 99 -22.59 8.98 -10.80
CA LEU B 99 -21.77 8.02 -11.54
C LEU B 99 -21.24 6.92 -10.63
N GLN B 100 -20.82 7.30 -9.41
CA GLN B 100 -20.33 6.31 -8.47
C GLN B 100 -21.44 5.38 -8.01
N VAL B 101 -22.66 5.92 -7.88
CA VAL B 101 -23.77 5.13 -7.36
C VAL B 101 -24.16 4.03 -8.35
N HIS B 102 -24.08 4.31 -9.64
CA HIS B 102 -24.54 3.40 -10.67
C HIS B 102 -23.43 2.61 -11.34
N ASP B 103 -22.19 2.72 -10.86
CA ASP B 103 -21.08 2.03 -11.51
C ASP B 103 -21.16 0.52 -11.34
N ILE B 104 -21.89 0.04 -10.33
CA ILE B 104 -22.00 -1.40 -10.11
C ILE B 104 -22.74 -2.07 -11.27
N PHE B 105 -23.59 -1.33 -11.98
CA PHE B 105 -24.40 -1.92 -13.04
C PHE B 105 -23.67 -1.98 -14.37
N THR B 106 -22.50 -1.34 -14.50
CA THR B 106 -21.66 -1.53 -15.66
C THR B 106 -20.92 -2.86 -15.53
N ILE B 107 -21.03 -3.70 -16.55
CA ILE B 107 -20.47 -5.05 -16.47
C ILE B 107 -18.96 -4.95 -16.29
N ASN B 108 -18.44 -5.71 -15.33
CA ASN B 108 -17.01 -5.81 -15.06
C ASN B 108 -16.38 -4.48 -14.65
N SER B 109 -17.18 -3.53 -14.18
CA SER B 109 -16.61 -2.27 -13.70
C SER B 109 -15.76 -2.50 -12.45
N ALA B 110 -15.07 -1.44 -12.03
CA ALA B 110 -14.28 -1.54 -10.80
C ALA B 110 -15.18 -1.86 -9.61
N SER B 111 -16.36 -1.25 -9.55
CA SER B 111 -17.28 -1.43 -8.43
C SER B 111 -17.72 -2.88 -8.26
N ASN B 112 -17.38 -3.78 -9.19
CA ASN B 112 -17.75 -5.18 -9.09
C ASN B 112 -16.70 -6.02 -8.37
N ILE B 113 -15.51 -5.49 -8.10
CA ILE B 113 -14.43 -6.38 -7.67
C ILE B 113 -14.69 -6.94 -6.27
N GLN B 114 -15.36 -6.20 -5.39
CA GLN B 114 -15.46 -6.64 -4.00
C GLN B 114 -16.44 -7.80 -3.86
N TRP B 115 -17.69 -7.61 -4.30
CA TRP B 115 -18.69 -8.67 -4.12
C TRP B 115 -18.24 -9.95 -4.83
N LYS B 116 -17.78 -9.82 -6.08
CA LYS B 116 -17.24 -10.98 -6.79
C LYS B 116 -16.15 -11.66 -5.96
N ALA B 117 -15.23 -10.87 -5.40
CA ALA B 117 -14.20 -11.41 -4.54
C ALA B 117 -14.81 -12.25 -3.43
N LEU B 118 -15.80 -11.68 -2.72
CA LEU B 118 -16.47 -12.45 -1.68
C LEU B 118 -17.11 -13.71 -2.26
N ALA B 119 -17.73 -13.58 -3.43
CA ALA B 119 -18.36 -14.74 -4.06
C ALA B 119 -17.36 -15.86 -4.31
N ARG B 120 -16.10 -15.52 -4.55
CA ARG B 120 -15.09 -16.56 -4.74
C ARG B 120 -14.60 -17.11 -3.40
N SER B 121 -14.53 -16.28 -2.37
CA SER B 121 -13.92 -16.72 -1.12
C SER B 121 -14.86 -17.61 -0.32
N PHE B 122 -16.12 -17.19 -0.17
CA PHE B 122 -17.06 -17.85 0.71
C PHE B 122 -18.06 -18.63 -0.14
N THR B 123 -17.76 -19.90 -0.35
CA THR B 123 -18.57 -20.77 -1.19
C THR B 123 -19.84 -21.18 -0.45
N LEU B 124 -20.98 -21.14 -1.16
CA LEU B 124 -22.25 -21.50 -0.55
C LEU B 124 -22.24 -22.98 -0.15
N GLY B 125 -23.08 -23.32 0.83
CA GLY B 125 -23.16 -24.71 1.24
C GLY B 125 -23.78 -25.58 0.18
N VAL B 126 -24.62 -25.00 -0.68
CA VAL B 126 -25.24 -25.74 -1.78
C VAL B 126 -24.20 -26.21 -2.77
N CYS B 127 -22.99 -25.68 -2.72
CA CYS B 127 -21.93 -26.03 -3.65
C CYS B 127 -20.99 -27.10 -3.12
N ASN B 128 -21.22 -27.59 -1.90
CA ASN B 128 -20.39 -28.67 -1.38
C ASN B 128 -20.52 -29.93 -2.21
N THR B 129 -21.70 -30.16 -2.79
CA THR B 129 -21.95 -31.30 -3.66
C THR B 129 -22.28 -30.79 -5.05
N ASN B 130 -21.67 -31.40 -6.07
CA ASN B 130 -21.80 -30.98 -7.46
C ASN B 130 -21.51 -29.49 -7.61
N PRO B 131 -20.26 -29.05 -7.41
CA PRO B 131 -19.94 -27.62 -7.58
C PRO B 131 -19.88 -27.21 -9.03
N HIS B 132 -20.25 -28.12 -9.94
CA HIS B 132 -20.30 -27.80 -11.36
C HIS B 132 -21.66 -27.29 -11.79
N LYS B 133 -22.64 -27.17 -10.89
CA LYS B 133 -23.88 -26.49 -11.25
C LYS B 133 -23.63 -24.99 -11.34
N HIS B 134 -24.51 -24.32 -12.08
CA HIS B 134 -24.15 -23.04 -12.68
C HIS B 134 -24.11 -21.90 -11.67
N ILE B 135 -24.81 -22.00 -10.55
CA ILE B 135 -24.66 -20.98 -9.52
C ILE B 135 -23.28 -21.07 -8.90
N CYS B 136 -22.78 -22.29 -8.69
CA CYS B 136 -21.45 -22.49 -8.12
C CYS B 136 -20.37 -22.04 -9.10
N ARG B 137 -20.52 -22.40 -10.39
CA ARG B 137 -19.56 -21.94 -11.38
C ARG B 137 -19.62 -20.42 -11.55
N CYS B 138 -20.80 -19.83 -11.39
CA CYS B 138 -20.91 -18.38 -11.51
C CYS B 138 -20.22 -17.67 -10.35
N LEU B 139 -20.46 -18.12 -9.11
CA LEU B 139 -19.83 -17.46 -7.97
C LEU B 139 -18.33 -17.74 -7.90
N GLU B 140 -17.90 -18.93 -8.31
CA GLU B 140 -16.48 -19.29 -8.23
C GLU B 140 -15.66 -18.73 -9.39
N SER B 141 -16.16 -18.80 -10.62
CA SER B 141 -15.36 -18.45 -11.79
C SER B 141 -16.07 -17.50 -12.75
N MET B 142 -17.22 -16.93 -12.35
CA MET B 142 -18.00 -16.02 -13.19
C MET B 142 -18.36 -16.64 -14.53
N GLN B 143 -18.58 -17.96 -14.54
CA GLN B 143 -19.01 -18.69 -15.71
C GLN B 143 -20.44 -19.18 -15.52
N MET B 144 -21.20 -19.24 -16.62
CA MET B 144 -22.54 -19.83 -16.62
C MET B 144 -23.48 -19.09 -15.67
N CYS B 145 -23.39 -17.77 -15.66
CA CYS B 145 -24.19 -16.97 -14.75
C CYS B 145 -25.62 -16.76 -15.24
N THR B 146 -25.95 -17.17 -16.46
CA THR B 146 -27.29 -16.95 -16.99
C THR B 146 -28.29 -18.02 -16.60
N SER B 147 -27.82 -19.18 -16.15
CA SER B 147 -28.68 -20.31 -15.81
C SER B 147 -28.53 -20.70 -14.35
N THR B 148 -28.39 -19.71 -13.46
CA THR B 148 -28.15 -20.01 -12.05
C THR B 148 -29.39 -20.58 -11.37
N LYS B 149 -30.57 -20.06 -11.70
CA LYS B 149 -31.80 -20.52 -11.05
C LYS B 149 -32.47 -21.69 -11.77
N THR B 150 -31.96 -22.08 -12.94
CA THR B 150 -32.53 -23.19 -13.70
C THR B 150 -31.67 -24.45 -13.66
N ASP B 151 -30.36 -24.34 -13.84
CA ASP B 151 -29.50 -25.51 -13.87
C ASP B 151 -29.45 -26.19 -12.50
N HIS B 152 -29.71 -27.49 -12.49
CA HIS B 152 -29.75 -28.29 -11.25
C HIS B 152 -30.74 -27.71 -10.24
N ALA B 153 -31.83 -27.12 -10.73
CA ALA B 153 -32.84 -26.57 -9.84
C ALA B 153 -33.40 -27.63 -8.92
N ARG B 154 -33.50 -28.87 -9.41
CA ARG B 154 -34.05 -29.96 -8.62
C ARG B 154 -33.15 -30.27 -7.43
N GLU B 155 -31.84 -30.42 -7.68
CA GLU B 155 -30.91 -30.70 -6.60
C GLU B 155 -30.91 -29.59 -5.56
N MET B 156 -31.02 -28.34 -6.00
CA MET B 156 -30.95 -27.22 -5.08
C MET B 156 -32.22 -27.10 -4.24
N SER B 157 -33.39 -27.32 -4.87
CA SER B 157 -34.63 -27.38 -4.11
C SER B 157 -34.56 -28.49 -3.07
N ILE B 158 -34.06 -29.67 -3.45
CA ILE B 158 -33.90 -30.75 -2.49
C ILE B 158 -32.94 -30.34 -1.38
N TYR B 159 -31.92 -29.56 -1.72
CA TYR B 159 -30.91 -29.16 -0.73
C TYR B 159 -31.50 -28.20 0.30
N TYR B 160 -32.30 -27.22 -0.15
CA TYR B 160 -32.78 -26.19 0.76
C TYR B 160 -34.11 -26.53 1.43
N ASP B 161 -35.04 -27.15 0.70
CA ASP B 161 -36.39 -27.34 1.21
C ASP B 161 -36.38 -28.16 2.49
N GLY B 162 -37.01 -27.61 3.53
CA GLY B 162 -37.08 -28.30 4.81
C GLY B 162 -35.81 -28.29 5.61
N HIS B 163 -34.79 -27.53 5.19
CA HIS B 163 -33.51 -27.43 5.88
C HIS B 163 -33.31 -25.98 6.30
N PRO B 164 -33.83 -25.58 7.46
CA PRO B 164 -33.65 -24.20 7.90
C PRO B 164 -32.20 -23.80 8.12
N ASP B 165 -31.37 -24.73 8.64
CA ASP B 165 -29.99 -24.39 8.96
C ASP B 165 -29.19 -24.09 7.69
N ARG B 166 -29.30 -24.95 6.68
CA ARG B 166 -28.61 -24.70 5.42
C ARG B 166 -29.10 -23.41 4.78
N PHE B 167 -30.43 -23.20 4.81
CA PHE B 167 -31.01 -21.98 4.26
C PHE B 167 -30.41 -20.74 4.91
N GLU B 168 -30.44 -20.68 6.24
CA GLU B 168 -29.91 -19.51 6.93
C GLU B 168 -28.41 -19.35 6.69
N HIS B 169 -27.69 -20.46 6.57
CA HIS B 169 -26.24 -20.40 6.30
C HIS B 169 -25.97 -19.69 4.97
N ASP B 170 -26.47 -20.27 3.88
CA ASP B 170 -26.24 -19.65 2.57
C ASP B 170 -26.86 -18.25 2.50
N MET B 171 -27.94 -18.01 3.26
CA MET B 171 -28.55 -16.69 3.26
C MET B 171 -27.63 -15.67 3.91
N LYS B 172 -26.97 -16.03 5.01
CA LYS B 172 -26.00 -15.12 5.62
C LYS B 172 -24.86 -14.82 4.65
N ILE B 173 -24.35 -15.84 3.96
CA ILE B 173 -23.30 -15.59 2.97
C ILE B 173 -23.81 -14.61 1.91
N ILE B 174 -25.03 -14.83 1.41
CA ILE B 174 -25.59 -13.98 0.37
C ILE B 174 -25.73 -12.54 0.86
N LEU B 175 -26.18 -12.36 2.10
CA LEU B 175 -26.31 -11.01 2.65
C LEU B 175 -24.95 -10.32 2.72
N ASN B 176 -23.91 -11.05 3.14
CA ASN B 176 -22.58 -10.46 3.18
C ASN B 176 -22.11 -10.07 1.79
N ILE B 177 -22.38 -10.90 0.78
CA ILE B 177 -22.02 -10.56 -0.58
C ILE B 177 -22.74 -9.29 -1.02
N MET B 178 -24.03 -9.18 -0.69
CA MET B 178 -24.81 -8.02 -1.11
C MET B 178 -24.44 -6.77 -0.33
N ARG B 179 -23.77 -6.90 0.81
CA ARG B 179 -23.27 -5.72 1.51
C ARG B 179 -22.34 -4.88 0.64
N TYR B 180 -21.77 -5.46 -0.42
CA TYR B 180 -20.86 -4.75 -1.31
C TYR B 180 -21.47 -4.53 -2.69
N ILE B 181 -22.79 -4.61 -2.81
CA ILE B 181 -23.49 -4.31 -4.05
C ILE B 181 -24.23 -3.01 -3.82
N VAL B 182 -24.73 -2.84 -2.61
CA VAL B 182 -25.40 -1.61 -2.22
C VAL B 182 -24.78 -1.05 -0.94
N PRO B 183 -23.66 -0.34 -1.01
CA PRO B 183 -23.09 0.29 0.19
C PRO B 183 -23.99 1.38 0.71
N GLY B 184 -23.82 1.68 1.99
CA GLY B 184 -24.58 2.73 2.65
C GLY B 184 -25.90 2.20 3.22
N LEU B 185 -27.01 2.77 2.74
CA LEU B 185 -28.32 2.38 3.27
C LEU B 185 -28.63 0.92 2.98
N GLY B 186 -28.31 0.45 1.78
CA GLY B 186 -28.54 -0.95 1.45
C GLY B 186 -27.88 -1.90 2.43
N ARG B 187 -26.62 -1.61 2.79
CA ARG B 187 -25.92 -2.44 3.77
C ARG B 187 -26.62 -2.39 5.13
N VAL B 188 -27.13 -1.23 5.52
CA VAL B 188 -27.85 -1.12 6.78
C VAL B 188 -29.07 -2.02 6.76
N LEU B 189 -29.81 -2.01 5.64
CA LEU B 189 -30.98 -2.86 5.52
C LEU B 189 -30.61 -4.34 5.55
N LEU B 190 -29.49 -4.69 4.91
CA LEU B 190 -29.08 -6.09 4.90
C LEU B 190 -28.68 -6.56 6.30
N ASP B 191 -27.94 -5.73 7.02
CA ASP B 191 -27.58 -6.07 8.39
C ASP B 191 -28.82 -6.22 9.27
N GLN B 192 -29.83 -5.37 9.06
CA GLN B 192 -31.06 -5.50 9.81
C GLN B 192 -31.81 -6.78 9.44
N ILE B 193 -31.79 -7.15 8.16
CA ILE B 193 -32.40 -8.40 7.73
C ILE B 193 -31.73 -9.59 8.41
N LYS B 194 -30.39 -9.56 8.50
CA LYS B 194 -29.68 -10.63 9.19
C LYS B 194 -30.03 -10.66 10.67
N GLN B 195 -30.13 -9.48 11.29
CA GLN B 195 -30.41 -9.44 12.73
C GLN B 195 -31.82 -9.91 13.05
N THR B 196 -32.79 -9.64 12.17
CA THR B 196 -34.16 -10.03 12.44
C THR B 196 -34.54 -11.37 11.80
N LYS B 197 -33.70 -11.91 10.92
CA LYS B 197 -34.01 -13.13 10.17
C LYS B 197 -35.25 -12.96 9.30
N ASP B 198 -35.51 -11.74 8.85
CA ASP B 198 -36.63 -11.46 7.95
C ASP B 198 -36.13 -11.57 6.50
N TYR B 199 -35.78 -12.81 6.14
CA TYR B 199 -35.11 -13.05 4.86
C TYR B 199 -35.99 -12.69 3.67
N GLN B 200 -37.30 -12.88 3.78
CA GLN B 200 -38.19 -12.55 2.66
C GLN B 200 -38.14 -11.06 2.32
N ALA B 201 -37.86 -10.21 3.30
CA ALA B 201 -37.73 -8.77 3.04
C ALA B 201 -36.63 -8.48 2.03
N LEU B 202 -35.68 -9.42 1.83
CA LEU B 202 -34.66 -9.22 0.82
C LEU B 202 -35.25 -9.05 -0.57
N ARG B 203 -36.48 -9.53 -0.79
CA ARG B 203 -37.14 -9.31 -2.07
C ARG B 203 -37.27 -7.83 -2.38
N HIS B 204 -37.41 -7.00 -1.35
CA HIS B 204 -37.52 -5.57 -1.58
C HIS B 204 -36.21 -4.96 -2.09
N ILE B 205 -35.09 -5.63 -1.90
CA ILE B 205 -33.80 -5.08 -2.30
C ILE B 205 -33.42 -5.65 -3.66
N GLN B 206 -33.28 -6.99 -3.72
CA GLN B 206 -32.89 -7.60 -4.98
C GLN B 206 -33.91 -7.29 -6.06
N GLY B 207 -35.19 -7.19 -5.68
CA GLY B 207 -36.24 -6.89 -6.63
C GLY B 207 -36.04 -5.55 -7.32
N LYS B 208 -35.43 -4.59 -6.62
CA LYS B 208 -35.11 -3.31 -7.22
C LYS B 208 -33.72 -3.28 -7.87
N LEU B 209 -32.86 -4.26 -7.56
CA LEU B 209 -31.55 -4.34 -8.21
C LEU B 209 -31.62 -5.04 -9.56
N SER B 210 -32.51 -6.02 -9.71
CA SER B 210 -32.53 -6.84 -10.93
C SER B 210 -32.83 -6.04 -12.19
N PRO B 211 -33.86 -5.19 -12.25
CA PRO B 211 -34.13 -4.48 -13.52
C PRO B 211 -33.02 -3.53 -13.93
N LYS B 212 -32.15 -3.12 -13.01
CA LYS B 212 -31.01 -2.28 -13.35
C LYS B 212 -29.75 -3.08 -13.65
N SER B 213 -29.80 -4.41 -13.55
CA SER B 213 -28.63 -5.26 -13.72
C SER B 213 -28.64 -6.04 -15.02
N GLN B 214 -29.55 -5.73 -15.94
CA GLN B 214 -29.72 -6.55 -17.14
C GLN B 214 -28.49 -6.56 -18.03
N SER B 215 -27.63 -5.55 -17.93
CA SER B 215 -26.38 -5.54 -18.70
C SER B 215 -25.23 -6.18 -17.94
N ASN B 216 -25.25 -6.12 -16.61
CA ASN B 216 -24.27 -6.78 -15.76
C ASN B 216 -24.72 -8.23 -15.59
N LEU B 217 -24.33 -9.07 -16.55
CA LEU B 217 -24.86 -10.43 -16.63
C LEU B 217 -24.50 -11.24 -15.40
N GLN B 218 -23.30 -11.05 -14.86
CA GLN B 218 -22.89 -11.78 -13.65
C GLN B 218 -23.78 -11.42 -12.47
N LEU B 219 -23.86 -10.12 -12.16
CA LEU B 219 -24.75 -9.67 -11.09
C LEU B 219 -26.19 -10.08 -11.35
N LYS B 220 -26.60 -10.04 -12.62
CA LYS B 220 -27.94 -10.49 -13.01
C LYS B 220 -28.19 -11.92 -12.55
N GLY B 221 -27.26 -12.82 -12.88
CA GLY B 221 -27.43 -14.21 -12.48
C GLY B 221 -27.40 -14.40 -10.97
N PHE B 222 -26.49 -13.70 -10.28
CA PHE B 222 -26.43 -13.80 -8.83
C PHE B 222 -27.77 -13.42 -8.21
N LEU B 223 -28.35 -12.29 -8.65
CA LEU B 223 -29.63 -11.86 -8.09
C LEU B 223 -30.75 -12.81 -8.46
N GLU B 224 -30.73 -13.38 -9.66
CA GLU B 224 -31.71 -14.40 -10.02
C GLU B 224 -31.65 -15.57 -9.04
N PHE B 225 -30.45 -16.02 -8.70
CA PHE B 225 -30.34 -17.09 -7.72
C PHE B 225 -30.85 -16.64 -6.36
N VAL B 226 -30.61 -15.38 -5.99
CA VAL B 226 -31.15 -14.86 -4.73
C VAL B 226 -32.67 -15.02 -4.72
N ASP B 227 -33.33 -14.67 -5.83
CA ASP B 227 -34.76 -14.90 -5.96
C ASP B 227 -35.10 -16.38 -5.73
N PHE B 228 -34.37 -17.27 -6.41
CA PHE B 228 -34.65 -18.70 -6.29
C PHE B 228 -34.58 -19.16 -4.84
N ILE B 229 -33.47 -18.88 -4.16
CA ILE B 229 -33.31 -19.37 -2.79
C ILE B 229 -34.33 -18.73 -1.88
N LEU B 230 -34.71 -17.48 -2.13
CA LEU B 230 -35.79 -16.87 -1.37
C LEU B 230 -37.10 -17.62 -1.57
N GLY B 231 -37.26 -18.31 -2.70
CA GLY B 231 -38.44 -19.15 -2.87
C GLY B 231 -38.41 -20.50 -2.19
N ALA B 232 -37.45 -20.76 -1.30
CA ALA B 232 -37.29 -22.10 -0.73
C ALA B 232 -38.40 -22.41 0.28
N ASN B 233 -38.72 -23.70 0.38
CA ASN B 233 -39.82 -24.21 1.20
C ASN B 233 -39.31 -24.39 2.63
N VAL B 234 -39.25 -23.28 3.36
CA VAL B 234 -38.78 -23.29 4.74
C VAL B 234 -39.31 -22.05 5.43
N THR B 235 -39.50 -22.14 6.75
CA THR B 235 -40.08 -21.06 7.54
C THR B 235 -39.14 -20.73 8.69
N ILE B 236 -38.68 -19.48 8.73
CA ILE B 236 -37.83 -18.98 9.80
C ILE B 236 -38.60 -17.88 10.53
N GLU B 237 -38.70 -18.01 11.85
CA GLU B 237 -39.39 -17.01 12.65
C GLU B 237 -38.53 -15.77 12.84
N LYS B 238 -39.17 -14.60 12.73
CA LYS B 238 -38.45 -13.35 12.79
C LYS B 238 -38.16 -12.96 14.24
N THR B 239 -37.42 -11.87 14.40
CA THR B 239 -36.97 -11.34 15.68
C THR B 239 -37.35 -9.86 15.76
N PRO B 240 -37.64 -9.35 16.97
CA PRO B 240 -37.86 -7.91 17.13
C PRO B 240 -36.88 -7.04 16.35
N GLN B 241 -37.40 -6.02 15.67
CA GLN B 241 -36.60 -5.21 14.75
C GLN B 241 -35.52 -4.45 15.49
N THR B 242 -35.90 -3.66 16.50
CA THR B 242 -34.96 -2.93 17.36
C THR B 242 -34.05 -2.01 16.54
N LEU B 243 -34.65 -1.25 15.63
CA LEU B 243 -33.91 -0.32 14.80
C LEU B 243 -34.03 1.08 15.40
N THR B 244 -32.87 1.74 15.56
CA THR B 244 -32.81 3.02 16.26
C THR B 244 -33.46 4.09 15.40
N THR B 245 -34.58 4.65 15.88
CA THR B 245 -35.31 5.68 15.16
C THR B 245 -35.22 7.01 15.90
N LEU B 246 -35.74 8.06 15.27
CA LEU B 246 -35.75 9.37 15.88
C LEU B 246 -36.61 9.39 17.14
N SER B 247 -37.78 8.75 17.09
CA SER B 247 -38.66 8.72 18.25
C SER B 247 -38.01 7.99 19.42
N LEU B 248 -37.22 6.95 19.13
CA LEU B 248 -36.50 6.26 20.20
C LEU B 248 -35.50 7.19 20.87
N ILE B 249 -34.81 8.01 20.08
CA ILE B 249 -33.83 8.94 20.64
C ILE B 249 -34.53 10.02 21.47
N LYS B 250 -35.70 10.47 21.02
CA LYS B 250 -36.42 11.51 21.75
C LYS B 250 -36.81 11.02 23.15
N GLY B 251 -37.34 9.81 23.25
CA GLY B 251 -37.67 9.25 24.54
C GLY B 251 -36.51 8.47 25.14
N ALA B 252 -35.39 9.15 25.35
CA ALA B 252 -34.18 8.54 25.89
C ALA B 252 -34.01 8.92 27.36
N HIS B 253 -33.72 7.92 28.19
CA HIS B 253 -33.62 8.15 29.63
C HIS B 253 -32.43 9.03 29.98
N ARG B 254 -31.28 8.81 29.34
CA ARG B 254 -30.07 9.55 29.69
C ARG B 254 -30.01 10.89 28.98
N ASN B 255 -29.64 11.92 29.73
CA ASN B 255 -29.50 13.27 29.22
C ASN B 255 -28.14 13.83 29.62
N LEU B 256 -27.57 14.66 28.75
CA LEU B 256 -26.28 15.29 29.00
C LEU B 256 -26.52 16.73 29.43
N ASP B 257 -26.15 17.05 30.67
CA ASP B 257 -26.27 18.42 31.16
C ASP B 257 -25.28 19.35 30.47
N GLN B 258 -24.08 18.85 30.19
CA GLN B 258 -23.02 19.64 29.59
C GLN B 258 -22.83 19.22 28.14
N LYS B 259 -22.97 20.18 27.22
CA LYS B 259 -22.82 19.91 25.80
C LYS B 259 -21.68 20.71 25.16
N ASP B 260 -20.81 21.31 25.97
CA ASP B 260 -19.79 22.20 25.43
C ASP B 260 -18.79 21.43 24.59
N PRO B 261 -18.53 21.85 23.36
CA PRO B 261 -17.52 21.16 22.55
C PRO B 261 -16.11 21.44 23.07
N GLY B 262 -15.23 20.46 22.85
CA GLY B 262 -13.86 20.55 23.29
C GLY B 262 -13.15 21.75 22.69
N PRO B 263 -12.14 22.26 23.38
CA PRO B 263 -11.43 23.46 22.90
C PRO B 263 -10.65 23.22 21.62
N THR B 264 -9.88 22.15 21.57
CA THR B 264 -9.03 21.84 20.43
C THR B 264 -9.07 20.34 20.17
N PRO B 265 -8.74 19.91 18.95
CA PRO B 265 -8.73 18.47 18.65
C PRO B 265 -7.75 17.72 19.53
N ILE B 266 -8.20 16.56 20.03
CA ILE B 266 -7.40 15.72 20.91
C ILE B 266 -7.18 14.38 20.25
N LEU B 267 -6.08 13.72 20.62
CA LEU B 267 -5.78 12.38 20.14
C LEU B 267 -6.37 11.30 21.03
N VAL B 268 -6.22 11.45 22.35
CA VAL B 268 -6.65 10.45 23.31
C VAL B 268 -7.98 10.88 23.91
N CYS B 269 -8.99 10.01 23.79
CA CYS B 269 -10.30 10.26 24.36
C CYS B 269 -10.39 9.52 25.69
N LYS B 270 -10.43 10.28 26.78
CA LYS B 270 -10.52 9.72 28.13
C LYS B 270 -11.95 9.77 28.62
N SER B 271 -12.36 8.71 29.32
CA SER B 271 -13.73 8.56 29.80
C SER B 271 -14.75 8.81 28.69
N PRO B 272 -14.73 8.02 27.62
CA PRO B 272 -15.60 8.32 26.47
C PRO B 272 -17.04 7.93 26.74
N GLN B 273 -17.95 8.66 26.11
CA GLN B 273 -19.37 8.32 26.11
C GLN B 273 -19.92 8.58 24.73
N LYS B 274 -20.65 7.60 24.18
CA LYS B 274 -21.33 7.81 22.91
C LYS B 274 -22.55 8.69 23.14
N VAL B 275 -22.72 9.70 22.29
CA VAL B 275 -23.77 10.70 22.44
C VAL B 275 -24.45 10.92 21.10
N VAL B 276 -25.76 11.10 21.13
CA VAL B 276 -26.55 11.44 19.94
C VAL B 276 -27.32 12.73 20.24
N CYS B 277 -27.20 13.71 19.36
CA CYS B 277 -27.83 15.00 19.56
C CYS B 277 -28.81 15.30 18.43
N TYR B 278 -29.90 16.00 18.78
CA TYR B 278 -30.97 16.31 17.84
C TYR B 278 -31.60 17.65 18.24
N SER B 279 -31.93 18.46 17.24
CA SER B 279 -32.47 19.78 17.53
C SER B 279 -33.89 19.66 18.11
N PRO B 280 -34.28 20.60 18.98
CA PRO B 280 -35.54 20.41 19.71
C PRO B 280 -36.78 20.52 18.85
N ARG B 281 -36.83 21.47 17.93
CA ARG B 281 -38.01 21.71 17.11
C ARG B 281 -37.67 21.63 15.64
N GLY B 282 -38.67 21.28 14.83
CA GLY B 282 -38.48 21.15 13.41
C GLY B 282 -37.98 19.77 13.01
N VAL B 283 -37.84 19.59 11.69
CA VAL B 283 -37.29 18.35 11.15
C VAL B 283 -35.78 18.34 11.37
N THR B 284 -35.31 17.34 12.12
CA THR B 284 -33.88 17.20 12.38
C THR B 284 -33.46 15.77 12.08
N HIS B 285 -32.18 15.61 11.77
CA HIS B 285 -31.57 14.29 11.62
C HIS B 285 -30.47 14.18 12.67
N PRO B 286 -30.63 13.33 13.68
CA PRO B 286 -29.70 13.34 14.81
C PRO B 286 -28.27 13.04 14.39
N GLY B 287 -27.33 13.78 14.97
CA GLY B 287 -25.93 13.60 14.71
C GLY B 287 -25.24 12.84 15.82
N ASP B 288 -24.16 12.15 15.46
CA ASP B 288 -23.41 11.31 16.38
C ASP B 288 -22.17 12.03 16.87
N TYR B 289 -21.91 11.95 18.17
CA TYR B 289 -20.76 12.59 18.79
C TYR B 289 -20.21 11.67 19.88
N ILE B 290 -19.01 11.99 20.33
CA ILE B 290 -18.36 11.30 21.44
C ILE B 290 -17.93 12.33 22.47
N SER B 291 -18.08 12.00 23.74
CA SER B 291 -17.70 12.87 24.84
C SER B 291 -16.44 12.33 25.49
N CYS B 292 -15.41 13.17 25.56
CA CYS B 292 -14.15 12.86 26.19
C CYS B 292 -13.89 13.91 27.27
N LYS B 293 -13.72 13.46 28.51
CA LYS B 293 -13.60 14.36 29.66
C LYS B 293 -14.80 15.30 29.72
N SER B 294 -15.98 14.77 29.38
CA SER B 294 -17.23 15.52 29.32
C SER B 294 -17.11 16.72 28.37
N LYS B 295 -16.40 16.53 27.26
CA LYS B 295 -16.33 17.51 26.19
C LYS B 295 -16.79 16.85 24.89
N MET B 296 -17.37 17.65 24.01
CA MET B 296 -18.06 17.15 22.83
C MET B 296 -17.14 17.21 21.61
N TYR B 297 -16.93 16.06 20.98
CA TYR B 297 -16.18 15.96 19.74
C TYR B 297 -17.01 15.15 18.75
N LYS B 298 -16.76 15.37 17.46
CA LYS B 298 -17.57 14.72 16.44
C LYS B 298 -17.22 13.23 16.36
N TRP B 299 -18.22 12.43 16.04
CA TRP B 299 -18.00 10.99 15.87
C TRP B 299 -17.29 10.76 14.54
N PRO B 300 -16.13 10.11 14.53
CA PRO B 300 -15.39 9.96 13.27
C PRO B 300 -16.03 8.94 12.34
N SER B 301 -15.96 9.24 11.04
CA SER B 301 -16.55 8.36 10.03
C SER B 301 -15.84 7.02 9.91
N LEU B 302 -14.60 6.92 10.39
CA LEU B 302 -13.84 5.68 10.33
C LEU B 302 -14.05 4.80 11.55
N GLY B 303 -14.94 5.17 12.46
CA GLY B 303 -15.22 4.38 13.64
C GLY B 303 -14.29 4.70 14.80
N VAL B 304 -14.68 4.21 15.97
CA VAL B 304 -13.95 4.43 17.21
C VAL B 304 -13.47 3.08 17.73
N TYR B 305 -12.21 3.04 18.15
CA TYR B 305 -11.57 1.80 18.60
C TYR B 305 -11.05 1.99 20.02
N LYS B 306 -10.59 0.89 20.62
CA LYS B 306 -9.96 0.95 21.93
C LYS B 306 -8.49 1.27 21.78
N HIS B 307 -7.97 2.12 22.67
CA HIS B 307 -6.54 2.40 22.69
C HIS B 307 -5.78 1.13 23.08
N ASN B 308 -4.73 0.81 22.33
CA ASN B 308 -3.99 -0.43 22.61
C ASN B 308 -3.20 -0.34 23.90
N ARG B 309 -2.88 0.86 24.39
CA ARG B 309 -2.25 0.99 25.69
C ARG B 309 -3.27 1.03 26.83
N ASP B 310 -4.45 1.60 26.60
CA ASP B 310 -5.50 1.69 27.61
C ASP B 310 -6.83 1.31 26.97
N GLN B 311 -7.35 0.14 27.33
CA GLN B 311 -8.62 -0.32 26.76
C GLN B 311 -9.78 0.60 27.11
N GLN B 312 -9.64 1.44 28.15
CA GLN B 312 -10.70 2.34 28.56
C GLN B 312 -10.63 3.69 27.85
N GLN B 313 -9.62 3.91 27.01
CA GLN B 313 -9.51 5.14 26.23
C GLN B 313 -9.93 4.86 24.79
N ALA B 314 -10.61 5.83 24.18
CA ALA B 314 -11.12 5.71 22.83
C ALA B 314 -10.15 6.35 21.84
N CYS B 315 -10.14 5.81 20.62
CA CYS B 315 -9.27 6.30 19.56
C CYS B 315 -10.07 6.42 18.26
N SER B 316 -9.64 7.36 17.43
CA SER B 316 -10.28 7.61 16.14
C SER B 316 -9.57 6.83 15.06
N SER B 317 -10.33 6.03 14.30
CA SER B 317 -9.92 5.42 13.04
C SER B 317 -9.02 4.18 13.20
N ASP B 318 -8.34 4.05 14.33
CA ASP B 318 -7.56 2.85 14.64
C ASP B 318 -7.21 2.89 16.12
N THR B 319 -6.55 1.83 16.59
CA THR B 319 -6.27 1.67 18.02
C THR B 319 -5.06 2.48 18.50
N HIS B 320 -4.37 3.18 17.60
CA HIS B 320 -3.15 3.89 17.98
C HIS B 320 -3.38 5.34 18.39
N CYS B 321 -4.61 5.84 18.24
CA CYS B 321 -4.95 7.23 18.60
C CYS B 321 -4.05 8.22 17.87
N LEU B 322 -3.81 7.97 16.59
CA LEU B 322 -3.01 8.86 15.75
C LEU B 322 -3.87 9.80 14.92
N GLU B 323 -5.19 9.73 15.05
CA GLU B 323 -6.11 10.63 14.38
C GLU B 323 -6.77 11.54 15.41
N MET B 324 -6.96 12.80 15.04
CA MET B 324 -7.53 13.77 15.95
C MET B 324 -9.05 13.68 15.94
N PHE B 325 -9.65 13.62 17.14
CA PHE B 325 -11.08 13.87 17.27
C PHE B 325 -11.34 15.36 17.04
N GLU B 326 -12.15 15.68 16.04
CA GLU B 326 -12.43 17.08 15.76
C GLU B 326 -13.51 17.58 16.71
N PRO B 327 -13.30 18.73 17.36
CA PRO B 327 -14.28 19.21 18.34
C PRO B 327 -15.62 19.46 17.69
N ALA B 328 -16.69 19.27 18.46
CA ALA B 328 -18.03 19.49 17.97
C ALA B 328 -18.22 20.96 17.58
N GLU B 329 -19.23 21.20 16.75
CA GLU B 329 -19.55 22.55 16.32
C GLU B 329 -20.07 23.37 17.50
N ARG B 330 -19.98 24.69 17.35
CA ARG B 330 -20.40 25.59 18.43
C ARG B 330 -21.91 25.55 18.63
N THR B 331 -22.67 25.26 17.57
CA THR B 331 -24.13 25.25 17.61
C THR B 331 -24.70 24.04 18.33
N ILE B 332 -23.85 23.12 18.82
CA ILE B 332 -24.33 21.91 19.47
C ILE B 332 -25.21 22.24 20.67
N THR B 333 -25.02 23.42 21.27
CA THR B 333 -25.82 23.81 22.43
C THR B 333 -27.29 23.97 22.06
N THR B 334 -27.60 24.31 20.81
CA THR B 334 -28.98 24.52 20.42
C THR B 334 -29.77 23.22 20.34
N LYS B 335 -29.16 22.06 20.58
CA LYS B 335 -29.80 20.78 20.39
C LYS B 335 -29.69 19.94 21.66
N ILE B 336 -30.68 19.06 21.85
CA ILE B 336 -30.68 18.14 22.98
C ILE B 336 -29.74 16.98 22.70
N CYS B 337 -29.11 16.46 23.75
CA CYS B 337 -28.14 15.38 23.60
C CYS B 337 -28.45 14.27 24.58
N LYS B 338 -28.62 13.05 24.05
CA LYS B 338 -28.89 11.85 24.83
C LYS B 338 -27.66 10.95 24.80
N VAL B 339 -27.28 10.42 25.95
CA VAL B 339 -26.16 9.50 26.05
C VAL B 339 -26.64 8.09 25.71
N SER B 340 -25.84 7.37 24.93
CA SER B 340 -26.13 6.01 24.54
C SER B 340 -24.92 5.13 24.85
N ASP B 341 -25.12 3.82 24.75
CA ASP B 341 -24.06 2.88 25.05
C ASP B 341 -22.92 3.02 24.06
N MET B 342 -21.68 2.92 24.56
CA MET B 342 -20.51 3.02 23.72
C MET B 342 -20.41 1.81 22.79
N THR B 343 -20.10 2.08 21.52
CA THR B 343 -19.96 1.03 20.51
C THR B 343 -18.59 1.17 19.87
N TYR B 344 -17.76 0.13 20.00
CA TYR B 344 -16.44 0.12 19.41
C TYR B 344 -16.46 -0.66 18.09
N SER B 345 -15.68 -0.20 17.13
CA SER B 345 -15.65 -0.81 15.81
C SER B 345 -15.05 -2.22 15.87
N GLU B 346 -15.54 -3.09 14.99
CA GLU B 346 -15.06 -4.46 14.89
C GLU B 346 -14.30 -4.71 13.59
N SER B 347 -13.84 -3.63 12.93
CA SER B 347 -13.16 -3.76 11.65
C SER B 347 -11.81 -4.44 11.84
N PRO B 348 -11.18 -4.89 10.74
CA PRO B 348 -9.84 -5.49 10.85
C PRO B 348 -8.83 -4.63 11.59
N TYR B 349 -9.00 -3.31 11.62
CA TYR B 349 -8.09 -2.45 12.38
C TYR B 349 -8.26 -2.58 13.89
N SER B 350 -9.20 -3.40 14.36
CA SER B 350 -9.45 -3.55 15.78
C SER B 350 -8.74 -4.76 16.39
N THR B 351 -8.64 -5.85 15.65
CA THR B 351 -8.05 -7.08 16.16
C THR B 351 -6.56 -7.12 15.86
N GLY B 352 -5.76 -7.43 16.87
CA GLY B 352 -4.31 -7.49 16.74
C GLY B 352 -3.83 -8.91 16.53
N ILE B 353 -2.75 -9.04 15.78
CA ILE B 353 -2.17 -10.35 15.46
C ILE B 353 -0.71 -10.36 15.90
N PRO B 354 -0.17 -11.52 16.27
CA PRO B 354 1.23 -11.56 16.75
C PRO B 354 2.24 -11.78 15.64
N SER B 355 1.77 -12.30 14.51
CA SER B 355 2.64 -12.64 13.40
C SER B 355 1.81 -12.64 12.13
N CYS B 356 2.50 -12.64 10.98
CA CYS B 356 1.79 -12.66 9.71
C CYS B 356 2.74 -12.96 8.58
N ASN B 357 2.18 -13.34 7.43
CA ASN B 357 2.95 -13.48 6.21
C ASN B 357 3.19 -12.09 5.63
N VAL B 358 4.46 -11.67 5.59
CA VAL B 358 4.81 -10.31 5.22
C VAL B 358 5.00 -10.23 3.70
N LYS B 359 4.33 -9.27 3.07
CA LYS B 359 4.64 -8.94 1.68
C LYS B 359 5.96 -8.17 1.59
N ARG B 360 6.09 -7.10 2.38
CA ARG B 360 7.23 -6.21 2.29
C ARG B 360 7.34 -5.43 3.59
N PHE B 361 8.54 -4.90 3.84
CA PHE B 361 8.82 -4.05 4.97
C PHE B 361 9.02 -2.62 4.50
N GLY B 362 8.65 -1.66 5.36
CA GLY B 362 8.77 -0.25 5.03
C GLY B 362 9.13 0.57 6.26
N SER B 363 9.36 1.86 6.02
CA SER B 363 9.63 2.81 7.08
C SER B 363 8.52 3.84 7.13
N CYS B 364 8.12 4.19 8.35
CA CYS B 364 6.86 4.86 8.63
C CYS B 364 7.14 6.00 9.60
N ASN B 365 6.89 7.24 9.18
CA ASN B 365 7.28 8.39 9.97
C ASN B 365 6.10 8.86 10.83
N VAL B 366 6.31 8.87 12.15
CA VAL B 366 5.32 9.36 13.10
C VAL B 366 5.99 10.43 13.96
N ARG B 367 5.56 11.68 13.79
CA ARG B 367 6.04 12.84 14.57
C ARG B 367 7.57 12.86 14.72
N GLY B 368 8.26 12.64 13.61
CA GLY B 368 9.72 12.72 13.60
C GLY B 368 10.44 11.47 14.04
N HIS B 369 9.73 10.40 14.38
CA HIS B 369 10.31 9.12 14.75
C HIS B 369 9.93 8.09 13.71
N GLN B 370 10.93 7.39 13.17
CA GLN B 370 10.72 6.42 12.10
C GLN B 370 10.52 5.04 12.70
N TRP B 371 9.30 4.53 12.64
CA TRP B 371 8.96 3.18 13.04
C TRP B 371 8.97 2.26 11.82
N GLN B 372 9.58 1.08 11.97
CA GLN B 372 9.57 0.09 10.90
C GLN B 372 8.23 -0.63 10.87
N ILE B 373 7.72 -0.88 9.66
CA ILE B 373 6.41 -1.49 9.48
C ILE B 373 6.52 -2.64 8.49
N ALA B 374 5.44 -3.42 8.42
CA ALA B 374 5.31 -4.51 7.48
C ALA B 374 3.90 -4.53 6.92
N GLU B 375 3.79 -4.93 5.66
CA GLU B 375 2.50 -5.19 5.03
C GLU B 375 2.25 -6.70 5.07
N CYS B 376 1.15 -7.10 5.69
CA CYS B 376 0.76 -8.50 5.75
C CYS B 376 -0.04 -8.87 4.51
N SER B 377 -0.48 -10.13 4.45
CA SER B 377 -1.27 -10.60 3.31
C SER B 377 -2.52 -9.75 3.13
N ASN B 378 -3.11 -9.30 4.23
CA ASN B 378 -4.34 -8.52 4.19
C ASN B 378 -4.13 -7.08 3.73
N GLY B 379 -2.90 -6.68 3.41
CA GLY B 379 -2.67 -5.32 2.97
C GLY B 379 -2.72 -4.28 4.05
N LEU B 380 -2.68 -4.69 5.32
CA LEU B 380 -2.66 -3.77 6.44
C LEU B 380 -1.24 -3.65 6.98
N PHE B 381 -0.91 -2.45 7.47
CA PHE B 381 0.44 -2.11 7.87
C PHE B 381 0.57 -2.18 9.38
N TYR B 382 1.58 -2.90 9.86
CA TYR B 382 1.77 -3.12 11.28
C TYR B 382 3.17 -2.66 11.69
N TYR B 383 3.28 -2.11 12.89
CA TYR B 383 4.60 -1.83 13.44
C TYR B 383 5.37 -3.13 13.58
N VAL B 384 6.69 -3.05 13.42
CA VAL B 384 7.57 -4.20 13.49
C VAL B 384 8.72 -3.86 14.42
N SER B 385 8.91 -4.69 15.45
CA SER B 385 9.98 -4.48 16.41
C SER B 385 11.34 -4.71 15.77
N ALA B 386 12.38 -4.21 16.45
CA ALA B 386 13.73 -4.41 15.95
C ALA B 386 14.14 -5.87 16.04
N LYS B 387 13.52 -6.61 16.94
CA LYS B 387 13.80 -8.03 17.11
C LYS B 387 12.78 -8.93 16.42
N ALA B 388 12.00 -8.37 15.49
CA ALA B 388 11.11 -9.19 14.69
C ALA B 388 11.91 -10.19 13.87
N HIS B 389 11.32 -11.38 13.67
CA HIS B 389 12.02 -12.46 13.01
C HIS B 389 11.01 -13.38 12.34
N SER B 390 11.49 -14.20 11.43
CA SER B 390 10.63 -15.13 10.71
C SER B 390 10.63 -16.49 11.37
N LYS B 391 9.56 -17.24 11.13
CA LYS B 391 9.56 -18.65 11.51
C LYS B 391 10.58 -19.41 10.68
N THR B 392 10.94 -20.60 11.14
CA THR B 392 12.06 -21.31 10.53
C THR B 392 11.70 -21.89 9.17
N ASN B 393 10.44 -22.30 8.97
CA ASN B 393 10.04 -23.00 7.75
C ASN B 393 9.21 -22.15 6.80
N ASP B 394 9.19 -20.83 7.01
CA ASP B 394 8.51 -19.93 6.08
C ASP B 394 9.23 -18.59 6.13
N ILE B 395 9.91 -18.24 5.03
CA ILE B 395 10.72 -17.03 5.00
C ILE B 395 9.89 -15.75 4.99
N THR B 396 8.58 -15.86 4.78
CA THR B 396 7.70 -14.70 4.82
C THR B 396 6.85 -14.63 6.08
N LEU B 397 6.73 -15.72 6.84
CA LEU B 397 5.96 -15.74 8.07
C LEU B 397 6.81 -15.14 9.19
N TYR B 398 6.49 -13.90 9.56
CA TYR B 398 7.29 -13.14 10.51
C TYR B 398 6.55 -12.96 11.82
N CYS B 399 7.25 -13.22 12.92
CA CYS B 399 6.81 -12.77 14.24
C CYS B 399 6.99 -11.26 14.32
N LEU B 400 5.90 -10.54 14.59
CA LEU B 400 5.98 -9.09 14.65
C LEU B 400 6.67 -8.60 15.92
N SER B 401 6.70 -9.40 16.97
CA SER B 401 7.32 -9.03 18.24
C SER B 401 8.50 -9.96 18.53
N ALA B 402 9.33 -9.55 19.49
CA ALA B 402 10.48 -10.36 19.87
C ALA B 402 10.06 -11.70 20.45
N ASN B 403 8.95 -11.72 21.19
CA ASN B 403 8.45 -12.93 21.83
C ASN B 403 7.43 -13.68 20.98
N CYS B 404 7.08 -13.15 19.80
CA CYS B 404 6.11 -13.72 18.89
C CYS B 404 4.72 -13.88 19.51
N LEU B 405 4.46 -13.22 20.63
CA LEU B 405 3.17 -13.29 21.31
C LEU B 405 2.46 -11.95 21.38
N ASP B 406 3.22 -10.86 21.57
CA ASP B 406 2.62 -9.53 21.70
C ASP B 406 1.82 -9.18 20.45
N LEU B 407 0.61 -8.68 20.66
CA LEU B 407 -0.27 -8.33 19.55
C LEU B 407 0.06 -6.93 19.03
N ARG B 408 -0.15 -6.74 17.73
CA ARG B 408 0.04 -5.45 17.09
C ARG B 408 -1.15 -5.17 16.18
N TYR B 409 -1.51 -3.90 16.09
CA TYR B 409 -2.72 -3.48 15.39
C TYR B 409 -2.37 -2.62 14.18
N ALA B 410 -3.21 -2.70 13.16
CA ALA B 410 -2.89 -2.09 11.88
C ALA B 410 -2.96 -0.58 11.93
N PHE B 411 -2.14 0.07 11.10
CA PHE B 411 -2.12 1.51 10.96
C PHE B 411 -3.04 1.95 9.82
N ARG B 412 -3.61 3.14 9.98
CA ARG B 412 -4.19 3.84 8.85
C ARG B 412 -3.07 4.55 8.09
N SER B 413 -3.24 4.67 6.77
CA SER B 413 -2.23 5.34 5.96
C SER B 413 -2.03 6.79 6.41
N SER B 414 -3.12 7.46 6.79
CA SER B 414 -3.04 8.84 7.26
C SER B 414 -2.47 8.94 8.66
N SER B 415 -2.48 7.87 9.45
CA SER B 415 -1.84 7.88 10.75
C SER B 415 -0.34 8.08 10.64
N CYS B 416 0.23 7.79 9.47
CA CYS B 416 1.67 7.70 9.28
C CYS B 416 2.05 8.50 8.04
N SER B 417 2.78 9.59 8.23
CA SER B 417 3.24 10.38 7.09
C SER B 417 4.75 10.63 7.16
N ASP B 418 5.47 10.17 6.14
CA ASP B 418 4.89 9.46 5.00
C ASP B 418 5.63 8.14 4.78
N ILE B 419 4.93 7.16 4.23
CA ILE B 419 5.44 5.80 4.14
C ILE B 419 6.44 5.70 2.99
N VAL B 420 7.55 5.01 3.25
CA VAL B 420 8.55 4.69 2.23
C VAL B 420 8.82 3.19 2.29
N TRP B 421 8.97 2.56 1.13
CA TRP B 421 9.20 1.12 1.07
C TRP B 421 10.60 0.78 0.57
#